data_9E37
#
_entry.id   9E37
#
_cell.length_a   68.489
_cell.length_b   85.557
_cell.length_c   112.857
_cell.angle_alpha   90.000
_cell.angle_beta   90.000
_cell.angle_gamma   90.000
#
_symmetry.space_group_name_H-M   'P 21 21 21'
#
loop_
_entity.id
_entity.type
_entity.pdbx_description
1 polymer 'Phosphoenolpyruvate carboxykinase [GTP]'
2 non-polymer "GUANOSINE-5'-TRIPHOSPHATE"
3 non-polymer 'OXALATE ION'
4 non-polymer 'MANGANESE (II) ION'
5 non-polymer 'MAGNESIUM ION'
6 non-polymer 'TRIETHYLENE GLYCOL'
7 non-polymer 'PENTAETHYLENE GLYCOL'
8 water water
#
_entity_poly.entity_id   1
_entity_poly.type   'polypeptide(L)'
_entity_poly.pdbx_seq_one_letter_code
;MNQPAMQGLNLNTPAYVKNAKLIAWVADMVALCKPDTVYWCDGSDAEYQRLCQQLVDAGTFKKLNEAKRPNSYLACSDPS
DVARVEDRTYICSAKEENAGPTNNWMEPSEMRATLQPLFDGCMRGRTMYVVPFSMGPLGSPIAHIGIELSDSPYVAVNMK
IMTRMGKAVFEVLGTEGDFVPCVHTVGAPLAEGEQDVTWPCNKTKYIVHYPETREIWSYGSGYGGNALLGKKCFALRIAS
NMGRDEGWLAEHMLILGVTNPEGKKYHVAAAFPSACGKTNFSMLVPPAGFDGWSVTTIGDDIAWIKPAADGKLYAINPEA
GYFGVAPGTNMLTNPNCMLSVRGNTIFTNVALTDDGDVWWEGMEQDAPGKALPDHLIDWQGKDWTPQIAKETGAKAAHPN
SRFTVAATNNPALDSAWDDPKGVAIDAFIFGGRRSTTVPLVTEARSWVEGVYMAATMGSETTAAATGQAGVVRRDPFAML
PFMGYNMSDYFQHWLDLGKKLAASGATLPKIYTTNWFRKGTDGKFVWPGYGENMRVLAWMIDRIEGKGQGEDHVTGISPS
YEDLNWTGLDFSADQFNTVTSIDKAAWLKELELHAELFKQLEHHLPKELGETKAEIERRLAA
;
_entity_poly.pdbx_strand_id   A
#
loop_
_chem_comp.id
_chem_comp.type
_chem_comp.name
_chem_comp.formula
1PE non-polymer 'PENTAETHYLENE GLYCOL' 'C10 H22 O6'
GTP non-polymer GUANOSINE-5'-TRIPHOSPHATE 'C10 H16 N5 O14 P3'
MG non-polymer 'MAGNESIUM ION' 'Mg 2'
MN non-polymer 'MANGANESE (II) ION' 'Mn 2'
OXL non-polymer 'OXALATE ION' 'C2 O4 -2'
PGE non-polymer 'TRIETHYLENE GLYCOL' 'C6 H14 O4'
#
# COMPACT_ATOMS: atom_id res chain seq x y z
N GLY A 8 22.12 4.26 -33.71
CA GLY A 8 21.17 4.27 -32.61
C GLY A 8 20.60 5.66 -32.34
N LEU A 9 19.38 5.70 -31.81
CA LEU A 9 18.73 6.96 -31.50
C LEU A 9 19.53 7.73 -30.44
N ASN A 10 19.52 9.06 -30.56
CA ASN A 10 20.21 9.90 -29.58
C ASN A 10 19.54 9.76 -28.22
N LEU A 11 20.29 9.27 -27.24
CA LEU A 11 19.73 9.07 -25.90
C LEU A 11 19.66 10.35 -25.08
N ASN A 12 20.38 11.40 -25.49
CA ASN A 12 20.46 12.65 -24.73
C ASN A 12 20.95 12.39 -23.31
N THR A 13 21.93 11.51 -23.18
CA THR A 13 22.44 11.13 -21.87
C THR A 13 23.10 12.31 -21.19
N PRO A 14 22.65 12.73 -20.01
CA PRO A 14 23.31 13.84 -19.33
C PRO A 14 24.74 13.50 -18.96
N ALA A 15 25.54 14.54 -18.75
CA ALA A 15 26.95 14.35 -18.42
C ALA A 15 27.14 13.64 -17.08
N TYR A 16 26.20 13.81 -16.14
CA TYR A 16 26.35 13.23 -14.81
C TYR A 16 26.02 11.75 -14.76
N VAL A 17 25.62 11.14 -15.86
CA VAL A 17 25.36 9.70 -15.92
C VAL A 17 26.68 9.02 -16.33
N LYS A 18 27.33 8.38 -15.36
CA LYS A 18 28.65 7.79 -15.56
C LYS A 18 28.61 6.27 -15.64
N ASN A 19 27.42 5.66 -15.64
CA ASN A 19 27.27 4.21 -15.59
C ASN A 19 27.10 3.67 -17.01
N ALA A 20 28.14 2.99 -17.50
CA ALA A 20 28.11 2.50 -18.88
C ALA A 20 27.09 1.36 -19.05
N LYS A 21 26.99 0.48 -18.06
CA LYS A 21 26.03 -0.62 -18.16
C LYS A 21 24.60 -0.10 -18.21
N LEU A 22 24.29 0.93 -17.42
CA LEU A 22 22.97 1.53 -17.45
C LEU A 22 22.67 2.12 -18.83
N ILE A 23 23.61 2.88 -19.37
CA ILE A 23 23.41 3.54 -20.65
C ILE A 23 23.16 2.52 -21.75
N ALA A 24 23.91 1.41 -21.72
CA ALA A 24 23.71 0.36 -22.72
C ALA A 24 22.33 -0.27 -22.59
N TRP A 25 21.85 -0.43 -21.35
CA TRP A 25 20.51 -0.99 -21.16
C TRP A 25 19.44 -0.05 -21.70
N VAL A 26 19.58 1.26 -21.46
CA VAL A 26 18.66 2.21 -22.04
C VAL A 26 18.69 2.13 -23.57
N ALA A 27 19.89 1.98 -24.14
CA ALA A 27 20.00 1.85 -25.59
C ALA A 27 19.24 0.64 -26.10
N ASP A 28 19.36 -0.50 -25.41
CA ASP A 28 18.64 -1.70 -25.82
C ASP A 28 17.14 -1.49 -25.72
N MET A 29 16.68 -0.85 -24.65
CA MET A 29 15.25 -0.62 -24.47
C MET A 29 14.72 0.42 -25.45
N VAL A 30 15.52 1.42 -25.79
CA VAL A 30 15.11 2.38 -26.82
C VAL A 30 14.99 1.69 -28.16
N ALA A 31 15.95 0.81 -28.49
CA ALA A 31 15.88 0.08 -29.75
C ALA A 31 14.65 -0.82 -29.81
N LEU A 32 14.18 -1.31 -28.67
CA LEU A 32 13.00 -2.16 -28.63
C LEU A 32 11.72 -1.33 -28.70
N CYS A 33 11.55 -0.41 -27.74
CA CYS A 33 10.30 0.34 -27.64
C CYS A 33 10.16 1.42 -28.70
N LYS A 34 11.27 1.86 -29.29
CA LYS A 34 11.27 2.82 -30.38
C LYS A 34 10.52 4.12 -30.05
N PRO A 35 10.91 4.82 -28.99
CA PRO A 35 10.31 6.13 -28.72
C PRO A 35 10.81 7.16 -29.72
N ASP A 36 10.01 8.21 -29.92
CA ASP A 36 10.45 9.32 -30.76
C ASP A 36 11.66 10.01 -30.17
N THR A 37 11.63 10.29 -28.88
CA THR A 37 12.70 11.01 -28.21
C THR A 37 12.90 10.43 -26.81
N VAL A 38 14.04 10.74 -26.23
CA VAL A 38 14.41 10.29 -24.88
C VAL A 38 14.67 11.51 -24.02
N TYR A 39 14.06 11.54 -22.83
CA TYR A 39 14.28 12.62 -21.87
C TYR A 39 14.64 12.02 -20.52
N TRP A 40 15.76 12.48 -19.94
CA TRP A 40 16.22 12.03 -18.64
C TRP A 40 15.71 12.97 -17.56
N CYS A 41 14.96 12.43 -16.60
CA CYS A 41 14.38 13.24 -15.54
C CYS A 41 15.43 13.56 -14.47
N ASP A 42 15.67 14.85 -14.23
CA ASP A 42 16.61 15.25 -13.19
C ASP A 42 15.96 15.39 -11.82
N GLY A 43 14.64 15.29 -11.74
CA GLY A 43 13.95 15.33 -10.46
C GLY A 43 13.81 16.70 -9.84
N SER A 44 14.19 17.77 -10.54
CA SER A 44 14.11 19.10 -9.97
C SER A 44 12.67 19.56 -9.84
N ASP A 45 12.45 20.55 -8.97
CA ASP A 45 11.14 21.18 -8.88
C ASP A 45 10.76 21.85 -10.18
N ALA A 46 11.73 22.50 -10.85
CA ALA A 46 11.45 23.15 -12.11
C ALA A 46 10.98 22.15 -13.16
N GLU A 47 11.63 20.98 -13.23
CA GLU A 47 11.20 19.95 -14.17
C GLU A 47 9.80 19.45 -13.84
N TYR A 48 9.50 19.26 -12.55
CA TYR A 48 8.15 18.84 -12.15
C TYR A 48 7.09 19.80 -12.68
N GLN A 49 7.35 21.11 -12.57
CA GLN A 49 6.39 22.09 -13.06
C GLN A 49 6.26 22.02 -14.58
N ARG A 50 7.36 21.82 -15.29
CA ARG A 50 7.30 21.71 -16.75
C ARG A 50 6.50 20.49 -17.16
N LEU A 51 6.71 19.36 -16.49
CA LEU A 51 5.98 18.14 -16.85
C LEU A 51 4.50 18.27 -16.51
N CYS A 52 4.17 18.93 -15.40
CA CYS A 52 2.77 19.17 -15.08
C CYS A 52 2.11 20.05 -16.15
N GLN A 53 2.80 21.10 -16.60
N GLN A 53 2.80 21.10 -16.60
CA GLN A 53 2.25 21.93 -17.66
CA GLN A 53 2.26 21.93 -17.66
C GLN A 53 2.09 21.13 -18.95
C GLN A 53 2.09 21.14 -18.94
N GLN A 54 3.02 20.23 -19.22
CA GLN A 54 2.89 19.35 -20.38
C GLN A 54 1.67 18.44 -20.24
N LEU A 55 1.39 17.98 -19.02
CA LEU A 55 0.19 17.19 -18.79
C LEU A 55 -1.08 18.03 -18.91
N VAL A 56 -1.00 19.29 -18.47
CA VAL A 56 -2.15 20.19 -18.65
C VAL A 56 -2.40 20.44 -20.13
N ASP A 57 -1.33 20.62 -20.92
CA ASP A 57 -1.49 20.82 -22.35
C ASP A 57 -2.13 19.62 -23.02
N ALA A 58 -1.77 18.41 -22.58
CA ALA A 58 -2.32 17.20 -23.17
C ALA A 58 -3.74 16.90 -22.72
N GLY A 59 -4.27 17.65 -21.76
CA GLY A 59 -5.58 17.37 -21.21
C GLY A 59 -5.59 16.32 -20.12
N THR A 60 -4.45 15.69 -19.82
CA THR A 60 -4.41 14.69 -18.76
C THR A 60 -4.60 15.34 -17.39
N PHE A 61 -4.02 16.53 -17.19
CA PHE A 61 -4.13 17.28 -15.96
C PHE A 61 -5.05 18.48 -16.16
N LYS A 62 -5.81 18.81 -15.12
CA LYS A 62 -6.43 20.12 -14.96
C LYS A 62 -5.80 20.75 -13.74
N LYS A 63 -5.25 21.95 -13.90
CA LYS A 63 -4.68 22.64 -12.74
C LYS A 63 -5.81 23.16 -11.86
N LEU A 64 -5.73 22.84 -10.58
CA LEU A 64 -6.77 23.25 -9.65
C LEU A 64 -6.63 24.72 -9.28
N ASN A 65 -7.70 25.27 -8.70
CA ASN A 65 -7.71 26.66 -8.27
C ASN A 65 -6.55 26.94 -7.33
N GLU A 66 -5.65 27.83 -7.76
CA GLU A 66 -4.46 28.13 -6.97
C GLU A 66 -4.82 28.69 -5.61
N ALA A 67 -5.94 29.39 -5.51
CA ALA A 67 -6.36 29.97 -4.23
C ALA A 67 -6.87 28.90 -3.27
N LYS A 68 -7.54 27.88 -3.78
CA LYS A 68 -8.10 26.83 -2.94
C LYS A 68 -7.19 25.62 -2.79
N ARG A 69 -6.34 25.33 -3.76
CA ARG A 69 -5.52 24.11 -3.75
C ARG A 69 -4.23 24.38 -4.50
N PRO A 70 -3.29 25.11 -3.89
CA PRO A 70 -2.12 25.60 -4.63
C PRO A 70 -1.25 24.48 -5.17
N ASN A 71 -0.75 24.71 -6.38
CA ASN A 71 0.18 23.80 -7.08
C ASN A 71 -0.33 22.36 -7.05
N SER A 72 -1.61 22.18 -7.40
CA SER A 72 -2.23 20.87 -7.39
C SER A 72 -2.95 20.63 -8.71
N TYR A 73 -3.10 19.36 -9.05
CA TYR A 73 -3.60 18.96 -10.36
C TYR A 73 -4.58 17.81 -10.21
N LEU A 74 -5.48 17.70 -11.17
CA LEU A 74 -6.50 16.65 -11.20
C LEU A 74 -6.40 15.88 -12.51
N ALA A 75 -6.28 14.56 -12.42
CA ALA A 75 -6.30 13.69 -13.58
C ALA A 75 -7.47 12.73 -13.45
N CYS A 76 -8.11 12.41 -14.58
CA CYS A 76 -9.14 11.40 -14.63
C CYS A 76 -8.75 10.37 -15.68
N SER A 77 -8.98 9.09 -15.37
CA SER A 77 -8.48 8.00 -16.17
C SER A 77 -9.59 7.35 -16.97
N ASP A 78 -9.17 6.55 -17.96
CA ASP A 78 -10.07 5.65 -18.65
C ASP A 78 -10.75 4.74 -17.64
N PRO A 79 -12.05 4.49 -17.78
CA PRO A 79 -12.76 3.63 -16.80
C PRO A 79 -12.19 2.23 -16.70
N SER A 80 -11.47 1.74 -17.71
CA SER A 80 -10.84 0.43 -17.66
C SER A 80 -9.52 0.43 -16.93
N ASP A 81 -9.03 1.59 -16.47
CA ASP A 81 -7.69 1.70 -15.90
C ASP A 81 -7.78 2.51 -14.60
N VAL A 82 -8.45 1.93 -13.60
CA VAL A 82 -8.72 2.63 -12.34
C VAL A 82 -8.15 1.91 -11.12
N ALA A 83 -7.61 0.71 -11.29
CA ALA A 83 -7.18 -0.09 -10.14
C ALA A 83 -6.19 -1.14 -10.61
N ARG A 84 -5.61 -1.86 -9.65
CA ARG A 84 -4.73 -2.97 -9.96
C ARG A 84 -5.51 -4.08 -10.67
N VAL A 85 -4.81 -4.81 -11.54
CA VAL A 85 -5.38 -5.95 -12.25
C VAL A 85 -4.58 -7.18 -11.83
N GLU A 86 -5.06 -7.87 -10.79
CA GLU A 86 -4.30 -8.97 -10.23
C GLU A 86 -4.19 -10.14 -11.18
N ASP A 87 -5.21 -10.38 -12.00
CA ASP A 87 -5.18 -11.46 -12.97
C ASP A 87 -4.13 -11.24 -14.06
N ARG A 88 -3.66 -10.00 -14.24
CA ARG A 88 -2.65 -9.68 -15.24
C ARG A 88 -1.27 -9.47 -14.64
N THR A 89 -1.09 -9.83 -13.37
CA THR A 89 0.18 -9.65 -12.67
C THR A 89 0.85 -11.00 -12.48
N TYR A 90 2.11 -11.10 -12.90
CA TYR A 90 2.80 -12.39 -12.98
C TYR A 90 4.10 -12.35 -12.19
N ILE A 91 4.38 -13.47 -11.51
CA ILE A 91 5.70 -13.77 -10.97
C ILE A 91 6.29 -14.86 -11.85
N CYS A 92 7.25 -14.50 -12.70
CA CYS A 92 7.84 -15.44 -13.65
C CYS A 92 9.19 -15.94 -13.11
N SER A 93 9.10 -16.73 -12.04
CA SER A 93 10.28 -17.38 -11.51
C SER A 93 10.70 -18.52 -12.42
N ALA A 94 11.96 -18.95 -12.26
CA ALA A 94 12.48 -20.04 -13.07
C ALA A 94 11.65 -21.31 -12.88
N LYS A 95 11.26 -21.61 -11.65
CA LYS A 95 10.41 -22.74 -11.34
C LYS A 95 9.04 -22.24 -10.87
N GLU A 96 7.98 -22.93 -11.30
CA GLU A 96 6.64 -22.52 -10.92
C GLU A 96 6.41 -22.62 -9.42
N GLU A 97 7.03 -23.60 -8.76
CA GLU A 97 6.88 -23.76 -7.33
C GLU A 97 7.45 -22.59 -6.54
N ASN A 98 8.31 -21.79 -7.15
CA ASN A 98 8.83 -20.58 -6.50
C ASN A 98 7.94 -19.36 -6.75
N ALA A 99 6.83 -19.52 -7.46
CA ALA A 99 5.78 -18.51 -7.49
C ALA A 99 4.64 -18.85 -6.52
N GLY A 100 4.26 -20.11 -6.43
CA GLY A 100 3.28 -20.56 -5.47
C GLY A 100 1.86 -20.41 -5.97
N PRO A 101 0.92 -21.02 -5.25
CA PRO A 101 -0.50 -20.97 -5.68
C PRO A 101 -1.12 -19.60 -5.59
N THR A 102 -0.56 -18.68 -4.79
CA THR A 102 -1.13 -17.35 -4.67
C THR A 102 -0.73 -16.43 -5.82
N ASN A 103 0.14 -16.87 -6.73
CA ASN A 103 0.66 -16.04 -7.80
C ASN A 103 0.32 -16.64 -9.15
N ASN A 104 0.30 -15.77 -10.17
CA ASN A 104 0.14 -16.19 -11.55
C ASN A 104 1.53 -16.41 -12.14
N TRP A 105 1.77 -17.61 -12.67
CA TRP A 105 3.08 -17.99 -13.16
C TRP A 105 3.03 -18.27 -14.66
N MET A 106 4.16 -18.04 -15.32
CA MET A 106 4.40 -18.46 -16.69
C MET A 106 5.89 -18.67 -16.85
N GLU A 107 6.27 -19.67 -17.65
N GLU A 107 6.26 -19.66 -17.65
CA GLU A 107 7.67 -19.92 -17.93
CA GLU A 107 7.68 -19.92 -17.90
C GLU A 107 8.33 -18.64 -18.42
C GLU A 107 8.34 -18.66 -18.42
N PRO A 108 9.49 -18.25 -17.86
CA PRO A 108 10.09 -16.95 -18.24
C PRO A 108 10.31 -16.75 -19.73
N SER A 109 10.95 -17.71 -20.42
CA SER A 109 11.13 -17.55 -21.86
C SER A 109 9.80 -17.46 -22.58
N GLU A 110 8.78 -18.15 -22.08
CA GLU A 110 7.46 -18.12 -22.69
C GLU A 110 6.80 -16.76 -22.49
N MET A 111 7.03 -16.12 -21.33
CA MET A 111 6.50 -14.79 -21.11
C MET A 111 7.31 -13.74 -21.90
N ARG A 112 8.62 -13.94 -21.99
CA ARG A 112 9.44 -13.03 -22.79
C ARG A 112 9.04 -13.04 -24.25
N ALA A 113 8.61 -14.20 -24.77
CA ALA A 113 8.09 -14.26 -26.13
C ALA A 113 6.72 -13.61 -26.25
N THR A 114 5.98 -13.51 -25.15
CA THR A 114 4.68 -12.86 -25.17
C THR A 114 4.82 -11.33 -25.16
N LEU A 115 5.76 -10.82 -24.37
CA LEU A 115 5.88 -9.37 -24.18
C LEU A 115 6.71 -8.71 -25.27
N GLN A 116 7.69 -9.42 -25.84
CA GLN A 116 8.59 -8.80 -26.81
C GLN A 116 7.84 -8.16 -27.97
N PRO A 117 6.88 -8.81 -28.63
CA PRO A 117 6.11 -8.11 -29.67
C PRO A 117 5.21 -7.01 -29.12
N LEU A 118 4.81 -7.07 -27.85
CA LEU A 118 4.00 -6.01 -27.27
C LEU A 118 4.83 -4.74 -27.04
N PHE A 119 6.05 -4.90 -26.54
CA PHE A 119 6.91 -3.74 -26.30
C PHE A 119 7.66 -3.29 -27.56
N ASP A 120 7.75 -4.15 -28.57
CA ASP A 120 8.36 -3.78 -29.85
C ASP A 120 7.60 -2.62 -30.47
N GLY A 121 8.18 -1.42 -30.38
CA GLY A 121 7.54 -0.24 -30.95
C GLY A 121 6.42 0.33 -30.11
N CYS A 122 6.35 -0.01 -28.82
CA CYS A 122 5.23 0.44 -28.01
C CYS A 122 5.24 1.94 -27.80
N MET A 123 6.40 2.59 -27.87
CA MET A 123 6.51 4.01 -27.58
C MET A 123 6.61 4.87 -28.84
N ARG A 124 6.23 4.33 -30.00
CA ARG A 124 6.26 5.13 -31.21
C ARG A 124 5.32 6.32 -31.08
N GLY A 125 5.80 7.50 -31.46
CA GLY A 125 5.03 8.71 -31.31
C GLY A 125 5.03 9.30 -29.92
N ARG A 126 5.85 8.77 -29.00
CA ARG A 126 5.90 9.25 -27.63
C ARG A 126 7.34 9.44 -27.21
N THR A 127 7.50 10.10 -26.06
CA THR A 127 8.81 10.30 -25.44
C THR A 127 9.01 9.26 -24.34
N MET A 128 10.18 8.62 -24.36
CA MET A 128 10.57 7.75 -23.25
C MET A 128 11.20 8.61 -22.17
N TYR A 129 10.60 8.61 -20.98
CA TYR A 129 11.17 9.31 -19.83
C TYR A 129 12.02 8.34 -19.02
N VAL A 130 13.26 8.72 -18.78
CA VAL A 130 14.16 7.95 -17.92
C VAL A 130 13.98 8.47 -16.50
N VAL A 131 13.48 7.62 -15.61
CA VAL A 131 13.13 8.02 -14.25
C VAL A 131 14.05 7.32 -13.27
N PRO A 132 15.13 7.97 -12.82
CA PRO A 132 15.99 7.35 -11.81
C PRO A 132 15.44 7.56 -10.42
N PHE A 133 15.44 6.50 -9.62
CA PHE A 133 14.87 6.62 -8.28
C PHE A 133 15.60 5.73 -7.30
N SER A 134 15.52 6.11 -6.03
CA SER A 134 16.06 5.34 -4.92
C SER A 134 14.92 4.98 -3.97
N MET A 135 14.81 3.69 -3.65
CA MET A 135 13.90 3.24 -2.61
C MET A 135 14.69 3.13 -1.31
N GLY A 136 14.31 3.93 -0.31
CA GLY A 136 15.13 4.14 0.85
C GLY A 136 15.96 5.39 0.67
N PRO A 137 16.44 5.98 1.76
CA PRO A 137 17.18 7.24 1.67
C PRO A 137 18.40 7.11 0.77
N LEU A 138 18.68 8.18 0.02
CA LEU A 138 19.72 8.16 -1.00
C LEU A 138 21.09 7.83 -0.40
N GLY A 139 21.72 6.79 -0.93
CA GLY A 139 23.06 6.42 -0.51
C GLY A 139 23.15 5.72 0.83
N SER A 140 22.03 5.33 1.42
CA SER A 140 22.04 4.64 2.70
C SER A 140 22.30 3.15 2.49
N PRO A 141 22.80 2.46 3.53
CA PRO A 141 23.14 1.04 3.36
C PRO A 141 21.95 0.15 3.01
N ILE A 142 20.72 0.56 3.31
CA ILE A 142 19.55 -0.27 3.04
C ILE A 142 18.84 0.11 1.75
N ALA A 143 19.31 1.14 1.05
CA ALA A 143 18.60 1.65 -0.11
C ALA A 143 18.92 0.82 -1.36
N HIS A 144 17.98 0.86 -2.32
CA HIS A 144 18.15 0.22 -3.61
C HIS A 144 17.71 1.18 -4.70
N ILE A 145 18.47 1.22 -5.78
CA ILE A 145 18.25 2.15 -6.88
C ILE A 145 17.60 1.41 -8.04
N GLY A 146 16.59 2.04 -8.64
CA GLY A 146 15.99 1.53 -9.85
C GLY A 146 15.95 2.61 -10.91
N ILE A 147 15.78 2.16 -12.15
CA ILE A 147 15.55 3.03 -13.29
C ILE A 147 14.27 2.57 -13.97
N GLU A 148 13.26 3.43 -13.98
CA GLU A 148 12.02 3.14 -14.71
C GLU A 148 12.01 3.91 -16.01
N LEU A 149 11.94 3.20 -17.13
CA LEU A 149 11.67 3.81 -18.42
C LEU A 149 10.16 3.80 -18.65
N SER A 150 9.59 4.97 -18.92
CA SER A 150 8.16 5.12 -19.10
C SER A 150 7.87 6.12 -20.21
N ASP A 151 6.78 5.87 -20.94
CA ASP A 151 6.27 6.84 -21.90
C ASP A 151 5.12 7.67 -21.32
N SER A 152 5.03 7.75 -20.00
CA SER A 152 3.96 8.47 -19.33
C SER A 152 4.54 9.57 -18.45
N PRO A 153 4.34 10.84 -18.79
CA PRO A 153 4.72 11.91 -17.86
C PRO A 153 3.96 11.87 -16.55
N TYR A 154 2.74 11.32 -16.55
CA TYR A 154 2.00 11.11 -15.32
C TYR A 154 2.79 10.21 -14.36
N VAL A 155 3.40 9.15 -14.88
CA VAL A 155 4.25 8.31 -14.05
C VAL A 155 5.45 9.11 -13.53
N ALA A 156 6.04 9.95 -14.40
CA ALA A 156 7.24 10.69 -14.01
C ALA A 156 6.96 11.62 -12.84
N VAL A 157 5.86 12.38 -12.89
CA VAL A 157 5.58 13.32 -11.83
C VAL A 157 5.16 12.61 -10.55
N ASN A 158 4.45 11.48 -10.66
CA ASN A 158 4.08 10.73 -9.47
C ASN A 158 5.29 10.08 -8.83
N MET A 159 6.24 9.62 -9.64
CA MET A 159 7.48 9.05 -9.10
C MET A 159 8.29 10.10 -8.34
N LYS A 160 8.21 11.36 -8.77
CA LYS A 160 8.92 12.43 -8.07
C LYS A 160 8.44 12.54 -6.63
N ILE A 161 7.13 12.36 -6.40
CA ILE A 161 6.56 12.46 -5.07
C ILE A 161 6.77 11.18 -4.28
N MET A 162 6.64 10.03 -4.93
CA MET A 162 6.62 8.76 -4.23
C MET A 162 8.00 8.15 -3.99
N THR A 163 9.04 8.67 -4.65
CA THR A 163 10.40 8.16 -4.48
C THR A 163 11.37 9.32 -4.39
N ARG A 164 12.61 9.02 -4.02
CA ARG A 164 13.72 9.95 -4.20
C ARG A 164 14.15 9.84 -5.66
N MET A 165 13.76 10.81 -6.47
CA MET A 165 13.86 10.71 -7.92
C MET A 165 14.80 11.78 -8.47
N GLY A 166 15.60 11.40 -9.46
CA GLY A 166 16.35 12.39 -10.22
C GLY A 166 17.84 12.20 -10.30
N LYS A 167 18.56 13.30 -10.56
CA LYS A 167 19.97 13.22 -10.91
C LYS A 167 20.83 12.77 -9.72
N ALA A 168 20.40 13.06 -8.49
CA ALA A 168 21.17 12.68 -7.32
C ALA A 168 21.37 11.17 -7.22
N VAL A 169 20.51 10.39 -7.89
CA VAL A 169 20.65 8.94 -7.89
C VAL A 169 21.97 8.52 -8.54
N PHE A 170 22.37 9.22 -9.60
CA PHE A 170 23.57 8.81 -10.33
C PHE A 170 24.85 9.05 -9.55
N GLU A 171 24.83 9.96 -8.58
CA GLU A 171 25.98 10.10 -7.68
C GLU A 171 26.17 8.85 -6.84
N VAL A 172 25.08 8.26 -6.38
CA VAL A 172 25.17 7.01 -5.62
C VAL A 172 25.54 5.86 -6.54
N LEU A 173 24.93 5.83 -7.73
CA LEU A 173 25.16 4.72 -8.66
C LEU A 173 26.61 4.69 -9.14
N GLY A 174 27.19 5.86 -9.42
CA GLY A 174 28.56 5.90 -9.87
C GLY A 174 28.74 5.24 -11.21
N THR A 175 29.95 4.72 -11.43
CA THR A 175 30.29 4.08 -12.68
C THR A 175 29.91 2.60 -12.72
N GLU A 176 29.81 1.94 -11.57
CA GLU A 176 29.64 0.50 -11.52
C GLU A 176 28.44 0.02 -10.71
N GLY A 177 27.67 0.93 -10.10
CA GLY A 177 26.55 0.50 -9.29
C GLY A 177 25.50 -0.21 -10.10
N ASP A 178 24.78 -1.12 -9.44
CA ASP A 178 23.73 -1.91 -10.07
C ASP A 178 22.37 -1.23 -9.85
N PHE A 179 21.40 -1.61 -10.67
CA PHE A 179 20.09 -0.98 -10.58
C PHE A 179 19.01 -2.01 -10.95
N VAL A 180 17.79 -1.73 -10.49
CA VAL A 180 16.62 -2.53 -10.84
C VAL A 180 16.10 -2.05 -12.19
N PRO A 181 16.07 -2.90 -13.22
CA PRO A 181 15.60 -2.48 -14.55
C PRO A 181 14.08 -2.54 -14.63
N CYS A 182 13.46 -1.38 -14.87
CA CYS A 182 12.00 -1.26 -14.91
C CYS A 182 11.59 -0.62 -16.23
N VAL A 183 10.67 -1.28 -16.94
CA VAL A 183 10.17 -0.80 -18.23
C VAL A 183 8.65 -0.68 -18.14
N HIS A 184 8.13 0.50 -18.48
CA HIS A 184 6.70 0.74 -18.46
C HIS A 184 6.25 1.43 -19.74
N THR A 185 5.12 0.99 -20.28
CA THR A 185 4.48 1.67 -21.39
C THR A 185 2.97 1.63 -21.21
N VAL A 186 2.31 2.71 -21.66
CA VAL A 186 0.86 2.73 -21.68
C VAL A 186 0.29 1.85 -22.78
N GLY A 187 1.14 1.34 -23.67
CA GLY A 187 0.68 0.45 -24.72
C GLY A 187 -0.23 1.11 -25.74
N ALA A 188 0.04 2.37 -26.06
CA ALA A 188 -0.79 3.14 -27.00
C ALA A 188 0.11 3.94 -27.91
N PRO A 189 0.88 3.27 -28.77
CA PRO A 189 1.75 4.00 -29.71
C PRO A 189 0.91 4.85 -30.65
N LEU A 190 1.48 5.98 -31.05
CA LEU A 190 0.78 6.98 -31.84
C LEU A 190 1.37 7.05 -33.24
N ALA A 191 0.50 7.04 -34.24
CA ALA A 191 0.93 7.29 -35.60
C ALA A 191 1.20 8.79 -35.79
N GLU A 192 1.94 9.11 -36.85
CA GLU A 192 2.21 10.50 -37.18
C GLU A 192 0.89 11.23 -37.46
N GLY A 193 0.71 12.39 -36.83
CA GLY A 193 -0.50 13.16 -36.99
C GLY A 193 -1.70 12.63 -36.24
N GLU A 194 -1.58 11.50 -35.55
CA GLU A 194 -2.69 10.97 -34.77
C GLU A 194 -2.81 11.74 -33.46
N GLN A 195 -4.04 12.14 -33.12
CA GLN A 195 -4.27 12.85 -31.87
C GLN A 195 -4.36 11.86 -30.72
N ASP A 196 -3.75 12.23 -29.60
CA ASP A 196 -3.74 11.37 -28.42
C ASP A 196 -5.03 11.55 -27.62
N VAL A 197 -5.23 10.63 -26.68
CA VAL A 197 -6.32 10.75 -25.71
C VAL A 197 -5.73 11.29 -24.41
N THR A 198 -6.61 11.74 -23.52
CA THR A 198 -6.13 12.35 -22.28
C THR A 198 -5.53 11.32 -21.33
N TRP A 199 -6.00 10.09 -21.38
CA TRP A 199 -5.46 9.00 -20.54
C TRP A 199 -5.17 7.81 -21.43
N PRO A 200 -4.01 7.79 -22.09
CA PRO A 200 -3.65 6.63 -22.92
C PRO A 200 -3.48 5.38 -22.08
N CYS A 201 -3.97 4.27 -22.61
CA CYS A 201 -3.86 2.96 -21.94
C CYS A 201 -4.22 1.90 -22.97
N ASN A 202 -4.22 0.65 -22.53
CA ASN A 202 -4.55 -0.48 -23.38
C ASN A 202 -5.45 -1.44 -22.60
N LYS A 203 -6.44 -2.01 -23.29
CA LYS A 203 -7.29 -3.02 -22.67
C LYS A 203 -6.47 -4.24 -22.25
N THR A 204 -5.42 -4.55 -23.01
CA THR A 204 -4.51 -5.64 -22.69
C THR A 204 -3.44 -5.09 -21.74
N LYS A 205 -3.29 -5.73 -20.57
CA LYS A 205 -2.36 -5.28 -19.57
C LYS A 205 -1.53 -6.44 -19.04
N TYR A 206 -0.27 -6.15 -18.71
CA TYR A 206 0.65 -7.11 -18.13
C TYR A 206 1.52 -6.38 -17.11
N ILE A 207 1.67 -6.97 -15.93
CA ILE A 207 2.61 -6.48 -14.91
C ILE A 207 3.44 -7.70 -14.52
N VAL A 208 4.67 -7.76 -15.02
CA VAL A 208 5.46 -8.98 -15.00
C VAL A 208 6.74 -8.76 -14.21
N HIS A 209 7.09 -9.74 -13.38
CA HIS A 209 8.26 -9.70 -12.53
C HIS A 209 9.12 -10.94 -12.78
N TYR A 210 10.40 -10.72 -13.07
CA TYR A 210 11.37 -11.81 -13.22
C TYR A 210 12.32 -11.80 -12.03
N PRO A 211 12.08 -12.62 -11.01
CA PRO A 211 12.91 -12.54 -9.79
C PRO A 211 14.39 -12.81 -10.03
N GLU A 212 14.73 -13.71 -10.95
CA GLU A 212 16.13 -14.05 -11.17
C GLU A 212 16.94 -12.85 -11.65
N THR A 213 16.34 -12.02 -12.50
CA THR A 213 17.01 -10.84 -13.04
C THR A 213 16.53 -9.54 -12.40
N ARG A 214 15.50 -9.59 -11.57
CA ARG A 214 14.87 -8.42 -10.96
C ARG A 214 14.26 -7.49 -12.01
N GLU A 215 13.98 -8.01 -13.20
CA GLU A 215 13.33 -7.21 -14.23
C GLU A 215 11.86 -7.01 -13.90
N ILE A 216 11.37 -5.79 -14.16
CA ILE A 216 9.96 -5.46 -14.04
C ILE A 216 9.51 -4.89 -15.38
N TRP A 217 8.40 -5.44 -15.91
CA TRP A 217 7.82 -5.01 -17.18
C TRP A 217 6.35 -4.73 -16.96
N SER A 218 5.91 -3.51 -17.31
CA SER A 218 4.53 -3.10 -17.14
C SER A 218 3.98 -2.56 -18.45
N TYR A 219 2.83 -3.11 -18.88
CA TYR A 219 2.24 -2.78 -20.17
C TYR A 219 0.77 -2.47 -20.00
N GLY A 220 0.32 -1.34 -20.55
CA GLY A 220 -1.08 -1.09 -20.79
C GLY A 220 -1.78 -0.21 -19.77
N SER A 221 -1.19 0.00 -18.59
CA SER A 221 -1.87 0.73 -17.53
C SER A 221 -1.05 1.93 -17.08
N GLY A 222 -1.75 3.03 -16.84
CA GLY A 222 -1.17 4.20 -16.20
C GLY A 222 -1.51 4.34 -14.74
N TYR A 223 -2.33 3.44 -14.19
CA TYR A 223 -2.72 3.53 -12.79
C TYR A 223 -1.52 3.28 -11.88
N GLY A 224 -1.47 4.03 -10.77
CA GLY A 224 -0.27 4.06 -9.95
C GLY A 224 0.18 2.69 -9.47
N GLY A 225 -0.76 1.85 -9.05
CA GLY A 225 -0.41 0.53 -8.57
C GLY A 225 0.25 -0.34 -9.63
N ASN A 226 -0.14 -0.17 -10.90
CA ASN A 226 0.45 -0.94 -11.99
C ASN A 226 1.67 -0.28 -12.62
N ALA A 227 1.81 1.04 -12.48
CA ALA A 227 2.79 1.79 -13.26
C ALA A 227 3.91 2.43 -12.45
N LEU A 228 3.71 2.68 -11.15
CA LEU A 228 4.78 3.17 -10.29
C LEU A 228 5.60 1.96 -9.87
N LEU A 229 6.60 1.62 -10.67
CA LEU A 229 7.24 0.31 -10.56
C LEU A 229 8.14 0.20 -9.34
N GLY A 230 8.51 1.30 -8.69
CA GLY A 230 9.26 1.21 -7.45
C GLY A 230 8.43 0.77 -6.27
N LYS A 231 7.11 0.91 -6.36
CA LYS A 231 6.23 0.71 -5.21
C LYS A 231 5.89 -0.76 -4.99
N LYS A 232 4.82 -1.25 -5.61
CA LYS A 232 4.42 -2.64 -5.38
C LYS A 232 5.35 -3.60 -6.08
N CYS A 233 5.74 -3.29 -7.32
CA CYS A 233 6.50 -4.23 -8.13
C CYS A 233 7.88 -4.49 -7.53
N PHE A 234 8.62 -3.44 -7.18
CA PHE A 234 9.93 -3.68 -6.60
C PHE A 234 9.87 -3.78 -5.07
N ALA A 235 9.38 -2.74 -4.40
CA ALA A 235 9.53 -2.66 -2.95
C ALA A 235 8.73 -3.71 -2.20
N LEU A 236 7.81 -4.41 -2.87
CA LEU A 236 7.17 -5.59 -2.28
C LEU A 236 7.52 -6.87 -3.03
N ARG A 237 7.18 -6.98 -4.32
CA ARG A 237 7.31 -8.27 -4.99
C ARG A 237 8.78 -8.66 -5.16
N ILE A 238 9.61 -7.77 -5.73
CA ILE A 238 11.02 -8.10 -5.89
C ILE A 238 11.72 -8.12 -4.53
N ALA A 239 11.45 -7.12 -3.69
CA ALA A 239 12.17 -7.01 -2.43
C ALA A 239 11.85 -8.15 -1.47
N SER A 240 10.64 -8.71 -1.53
CA SER A 240 10.33 -9.85 -0.65
C SER A 240 11.19 -11.05 -1.02
N ASN A 241 11.47 -11.24 -2.31
CA ASN A 241 12.39 -12.29 -2.74
C ASN A 241 13.79 -12.05 -2.19
N MET A 242 14.29 -10.83 -2.32
CA MET A 242 15.62 -10.51 -1.83
C MET A 242 15.71 -10.69 -0.32
N GLY A 243 14.70 -10.22 0.41
CA GLY A 243 14.70 -10.40 1.85
C GLY A 243 14.66 -11.85 2.28
N ARG A 244 13.97 -12.69 1.51
CA ARG A 244 13.98 -14.12 1.79
C ARG A 244 15.38 -14.69 1.70
N ASP A 245 16.15 -14.26 0.70
CA ASP A 245 17.50 -14.76 0.51
C ASP A 245 18.51 -14.10 1.45
N GLU A 246 18.26 -12.85 1.86
CA GLU A 246 19.22 -12.07 2.61
C GLU A 246 18.82 -11.87 4.07
N GLY A 247 17.68 -12.40 4.50
CA GLY A 247 17.32 -12.36 5.90
C GLY A 247 16.57 -11.13 6.35
N TRP A 248 15.74 -10.53 5.50
CA TRP A 248 14.92 -9.40 5.91
C TRP A 248 13.53 -9.55 5.28
N LEU A 249 12.66 -8.59 5.58
CA LEU A 249 11.25 -8.65 5.18
C LEU A 249 10.88 -7.42 4.35
N ALA A 250 10.01 -7.62 3.37
CA ALA A 250 9.32 -6.54 2.66
C ALA A 250 7.83 -6.79 2.86
N GLU A 251 7.18 -5.89 3.58
CA GLU A 251 5.84 -6.14 4.08
C GLU A 251 4.90 -5.01 3.70
N HIS A 252 3.62 -5.36 3.58
CA HIS A 252 2.55 -4.41 3.24
C HIS A 252 2.05 -3.77 4.54
N MET A 253 2.93 -2.97 5.15
CA MET A 253 2.71 -2.49 6.50
C MET A 253 2.95 -0.99 6.61
N LEU A 254 2.07 -0.32 7.34
CA LEU A 254 2.38 1.01 7.84
C LEU A 254 3.37 0.90 8.99
N ILE A 255 4.05 2.01 9.28
CA ILE A 255 4.92 2.13 10.45
C ILE A 255 4.57 3.44 11.13
N LEU A 256 4.19 3.37 12.40
CA LEU A 256 3.88 4.56 13.16
C LEU A 256 4.63 4.56 14.49
N GLY A 257 4.79 5.74 15.04
CA GLY A 257 5.28 5.91 16.40
C GLY A 257 4.16 6.45 17.27
N VAL A 258 4.17 6.07 18.55
CA VAL A 258 3.17 6.53 19.49
C VAL A 258 3.83 6.78 20.84
N THR A 259 3.57 7.95 21.42
N THR A 259 3.60 7.96 21.40
CA THR A 259 4.14 8.34 22.71
CA THR A 259 4.12 8.34 22.71
C THR A 259 3.01 8.56 23.71
C THR A 259 2.95 8.49 23.68
N ASN A 260 3.12 7.95 24.88
CA ASN A 260 2.12 8.09 25.93
C ASN A 260 2.43 9.30 26.79
N PRO A 261 1.51 9.72 27.67
CA PRO A 261 1.78 10.90 28.50
C PRO A 261 3.03 10.79 29.37
N GLU A 262 3.50 9.58 29.64
CA GLU A 262 4.72 9.40 30.42
C GLU A 262 5.98 9.61 29.59
N GLY A 263 5.85 9.96 28.31
CA GLY A 263 6.98 10.20 27.45
C GLY A 263 7.59 8.98 26.81
N LYS A 264 7.08 7.78 27.11
CA LYS A 264 7.61 6.57 26.50
C LYS A 264 7.08 6.44 25.07
N LYS A 265 7.97 6.15 24.13
CA LYS A 265 7.62 6.05 22.72
C LYS A 265 7.76 4.62 22.24
N TYR A 266 6.77 4.16 21.48
CA TYR A 266 6.78 2.82 20.90
C TYR A 266 6.49 2.92 19.41
N HIS A 267 6.80 1.86 18.68
CA HIS A 267 6.54 1.80 17.25
C HIS A 267 5.82 0.50 16.92
N VAL A 268 4.83 0.59 16.03
CA VAL A 268 4.08 -0.58 15.63
CA VAL A 268 4.01 -0.54 15.62
C VAL A 268 3.98 -0.60 14.10
N ALA A 269 3.93 -1.81 13.57
CA ALA A 269 3.76 -2.04 12.13
C ALA A 269 2.47 -2.82 11.94
N ALA A 270 1.64 -2.37 11.01
CA ALA A 270 0.31 -2.95 10.83
C ALA A 270 0.09 -3.27 9.36
N ALA A 271 -0.28 -4.52 9.09
CA ALA A 271 -0.59 -4.97 7.74
C ALA A 271 -2.10 -5.11 7.61
N PHE A 272 -2.70 -4.17 6.89
CA PHE A 272 -4.08 -4.26 6.44
C PHE A 272 -4.11 -4.36 4.92
N PRO A 273 -5.06 -5.09 4.34
CA PRO A 273 -5.12 -5.18 2.88
C PRO A 273 -5.40 -3.83 2.25
N SER A 274 -5.24 -3.79 0.92
CA SER A 274 -5.48 -2.56 0.18
C SER A 274 -6.86 -1.99 0.49
N ALA A 275 -6.90 -0.69 0.78
CA ALA A 275 -8.13 0.03 1.09
C ALA A 275 -8.82 -0.53 2.34
N CYS A 276 -8.03 -0.95 3.33
CA CYS A 276 -8.59 -1.48 4.56
C CYS A 276 -8.06 -0.79 5.80
N GLY A 277 -7.49 0.41 5.66
CA GLY A 277 -7.28 1.27 6.81
C GLY A 277 -5.86 1.63 7.22
N LYS A 278 -4.85 1.31 6.40
CA LYS A 278 -3.47 1.58 6.80
C LYS A 278 -3.20 3.07 6.91
N THR A 279 -3.49 3.83 5.85
CA THR A 279 -3.19 5.25 5.84
C THR A 279 -3.89 5.99 6.98
N ASN A 280 -5.16 5.64 7.24
CA ASN A 280 -5.90 6.33 8.29
C ASN A 280 -5.34 6.00 9.67
N PHE A 281 -4.92 4.75 9.88
CA PHE A 281 -4.34 4.37 11.17
C PHE A 281 -2.95 4.97 11.35
N SER A 282 -2.18 5.06 10.27
CA SER A 282 -0.78 5.49 10.35
C SER A 282 -0.64 6.95 10.77
N MET A 283 -1.69 7.76 10.62
CA MET A 283 -1.63 9.17 11.00
C MET A 283 -2.86 9.58 11.79
N LEU A 284 -3.42 8.65 12.57
CA LEU A 284 -4.61 8.96 13.35
C LEU A 284 -4.30 10.02 14.40
N VAL A 285 -5.34 10.76 14.79
CA VAL A 285 -5.24 11.76 15.85
C VAL A 285 -5.90 11.18 17.10
N PRO A 286 -5.19 11.09 18.22
CA PRO A 286 -5.81 10.58 19.46
C PRO A 286 -7.03 11.41 19.82
N PRO A 287 -8.18 10.76 20.06
CA PRO A 287 -9.41 11.50 20.33
C PRO A 287 -9.48 12.02 21.75
N ALA A 288 -10.67 12.46 22.16
CA ALA A 288 -10.88 12.88 23.54
C ALA A 288 -10.53 11.74 24.49
N GLY A 289 -9.95 12.09 25.63
CA GLY A 289 -9.52 11.11 26.60
C GLY A 289 -8.07 10.70 26.49
N PHE A 290 -7.34 11.21 25.51
CA PHE A 290 -5.95 10.83 25.28
C PHE A 290 -5.04 12.05 25.26
N ASP A 291 -5.33 13.02 26.12
CA ASP A 291 -4.44 14.16 26.28
C ASP A 291 -3.05 13.69 26.69
N GLY A 292 -2.03 14.23 26.05
CA GLY A 292 -0.66 13.81 26.29
C GLY A 292 -0.16 12.70 25.40
N TRP A 293 -1.04 12.06 24.62
CA TRP A 293 -0.63 11.08 23.64
C TRP A 293 -0.33 11.74 22.31
N SER A 294 0.58 11.14 21.55
CA SER A 294 0.88 11.61 20.21
C SER A 294 1.15 10.42 19.30
N VAL A 295 0.68 10.52 18.05
CA VAL A 295 0.86 9.50 17.03
C VAL A 295 1.59 10.14 15.87
N THR A 296 2.68 9.51 15.43
CA THR A 296 3.48 10.03 14.33
C THR A 296 3.65 8.96 13.26
N THR A 297 3.85 9.41 12.02
CA THR A 297 3.87 8.54 10.86
C THR A 297 5.29 8.34 10.35
N ILE A 298 5.71 7.09 10.23
CA ILE A 298 6.92 6.74 9.48
C ILE A 298 6.60 6.35 8.05
N GLY A 299 5.57 5.52 7.86
CA GLY A 299 5.11 5.15 6.53
C GLY A 299 3.70 4.61 6.61
N ASP A 300 3.04 4.54 5.45
CA ASP A 300 1.65 4.13 5.40
C ASP A 300 1.37 2.92 4.52
N ASP A 301 2.39 2.30 3.92
CA ASP A 301 2.10 1.27 2.92
C ASP A 301 3.12 0.14 2.87
N ILE A 302 4.42 0.45 2.89
CA ILE A 302 5.47 -0.54 2.69
C ILE A 302 6.50 -0.41 3.80
N ALA A 303 6.94 -1.55 4.33
CA ALA A 303 7.97 -1.60 5.35
C ALA A 303 9.05 -2.61 4.99
N TRP A 304 10.30 -2.22 5.17
CA TRP A 304 11.43 -3.14 5.07
C TRP A 304 11.97 -3.36 6.48
N ILE A 305 12.06 -4.62 6.89
CA ILE A 305 12.31 -4.97 8.29
C ILE A 305 13.41 -6.02 8.36
N LYS A 306 14.35 -5.84 9.29
CA LYS A 306 15.35 -6.87 9.50
C LYS A 306 15.74 -6.92 10.98
N PRO A 307 16.09 -8.09 11.49
CA PRO A 307 16.51 -8.19 12.89
C PRO A 307 17.94 -7.69 13.09
N ALA A 308 18.25 -7.35 14.32
CA ALA A 308 19.59 -6.92 14.70
C ALA A 308 20.12 -7.82 15.82
N ALA A 309 21.40 -7.64 16.14
CA ALA A 309 22.02 -8.47 17.15
C ALA A 309 21.44 -8.22 18.54
N ASP A 310 20.90 -7.02 18.78
CA ASP A 310 20.30 -6.70 20.08
C ASP A 310 18.96 -7.41 20.31
N GLY A 311 18.50 -8.21 19.36
CA GLY A 311 17.24 -8.92 19.48
C GLY A 311 16.02 -8.15 19.03
N LYS A 312 16.19 -6.98 18.44
CA LYS A 312 15.08 -6.15 18.00
C LYS A 312 14.90 -6.23 16.49
N LEU A 313 13.70 -5.88 16.04
CA LEU A 313 13.37 -5.78 14.62
C LEU A 313 13.30 -4.31 14.24
N TYR A 314 14.09 -3.91 13.24
CA TYR A 314 14.16 -2.52 12.81
C TYR A 314 13.49 -2.38 11.44
N ALA A 315 12.61 -1.39 11.31
CA ALA A 315 11.81 -1.18 10.12
C ALA A 315 12.10 0.19 9.52
N ILE A 316 12.14 0.25 8.19
CA ILE A 316 12.23 1.52 7.48
C ILE A 316 11.11 1.57 6.45
N ASN A 317 10.67 2.79 6.14
CA ASN A 317 9.73 3.05 5.06
C ASN A 317 10.52 3.43 3.81
N PRO A 318 10.52 2.63 2.75
CA PRO A 318 11.33 2.95 1.57
C PRO A 318 10.72 4.00 0.65
N GLU A 319 9.48 4.40 0.87
CA GLU A 319 8.82 5.37 0.00
C GLU A 319 9.05 6.79 0.51
N ALA A 320 8.70 7.76 -0.34
CA ALA A 320 8.86 9.17 -0.01
C ALA A 320 7.55 9.92 0.06
N GLY A 321 6.42 9.28 -0.25
CA GLY A 321 5.13 9.95 -0.20
C GLY A 321 3.99 8.99 0.05
N TYR A 322 2.76 9.49 -0.04
CA TYR A 322 1.56 8.68 0.16
C TYR A 322 0.75 8.66 -1.13
N PHE A 323 0.29 7.47 -1.51
CA PHE A 323 -0.59 7.27 -2.67
C PHE A 323 -1.87 6.64 -2.13
N GLY A 324 -2.76 7.49 -1.61
CA GLY A 324 -3.81 7.03 -0.71
C GLY A 324 -5.22 7.16 -1.28
N VAL A 325 -6.10 6.27 -0.81
CA VAL A 325 -7.52 6.33 -1.16
C VAL A 325 -8.10 7.64 -0.67
N ALA A 326 -8.80 8.34 -1.57
CA ALA A 326 -9.38 9.64 -1.22
C ALA A 326 -10.75 9.52 -0.54
N PRO A 327 -11.73 8.79 -1.10
CA PRO A 327 -13.08 8.82 -0.53
C PRO A 327 -13.08 8.41 0.95
N GLY A 328 -13.91 9.09 1.73
CA GLY A 328 -13.98 8.89 3.15
C GLY A 328 -13.13 9.84 3.97
N THR A 329 -12.18 10.53 3.33
CA THR A 329 -11.27 11.42 4.05
C THR A 329 -11.95 12.76 4.32
N ASN A 330 -11.94 13.17 5.59
CA ASN A 330 -12.45 14.47 6.01
C ASN A 330 -11.79 14.80 7.33
N MET A 331 -12.20 15.92 7.94
CA MET A 331 -11.54 16.39 9.15
C MET A 331 -11.86 15.54 10.37
N LEU A 332 -12.90 14.71 10.32
CA LEU A 332 -13.19 13.80 11.42
C LEU A 332 -12.45 12.48 11.28
N THR A 333 -12.39 11.93 10.06
CA THR A 333 -11.80 10.61 9.86
C THR A 333 -10.28 10.66 9.81
N ASN A 334 -9.71 11.68 9.16
CA ASN A 334 -8.27 11.76 8.99
C ASN A 334 -7.85 13.21 8.76
N PRO A 335 -7.84 14.05 9.80
CA PRO A 335 -7.45 15.45 9.59
C PRO A 335 -6.00 15.63 9.15
N ASN A 336 -5.09 14.75 9.58
CA ASN A 336 -3.70 14.86 9.13
C ASN A 336 -3.61 14.71 7.62
N CYS A 337 -4.42 13.82 7.04
CA CYS A 337 -4.41 13.66 5.59
C CYS A 337 -5.04 14.86 4.89
N MET A 338 -6.14 15.38 5.45
CA MET A 338 -6.75 16.58 4.90
C MET A 338 -5.75 17.72 4.83
N LEU A 339 -5.00 17.92 5.93
CA LEU A 339 -3.97 18.96 5.94
C LEU A 339 -2.83 18.65 4.98
N SER A 340 -2.52 17.36 4.79
CA SER A 340 -1.45 16.99 3.88
C SER A 340 -1.79 17.37 2.44
N VAL A 341 -3.02 17.18 2.02
CA VAL A 341 -3.40 17.40 0.62
C VAL A 341 -3.92 18.82 0.43
N ARG A 342 -3.53 19.75 1.32
CA ARG A 342 -3.90 21.15 1.13
C ARG A 342 -3.26 21.74 -0.11
N GLY A 343 -2.10 21.23 -0.52
CA GLY A 343 -1.43 21.72 -1.71
C GLY A 343 -0.35 20.75 -2.14
N ASN A 344 0.22 21.03 -3.32
CA ASN A 344 1.30 20.24 -3.90
C ASN A 344 0.90 18.76 -4.02
N THR A 345 -0.35 18.52 -4.37
CA THR A 345 -0.91 17.18 -4.43
C THR A 345 -1.40 16.89 -5.85
N ILE A 346 -1.30 15.62 -6.25
CA ILE A 346 -1.90 15.13 -7.48
C ILE A 346 -3.12 14.29 -7.10
N PHE A 347 -4.28 14.69 -7.60
CA PHE A 347 -5.51 13.94 -7.38
C PHE A 347 -5.88 13.20 -8.66
N THR A 348 -6.30 11.94 -8.51
CA THR A 348 -6.67 11.11 -9.65
C THR A 348 -8.07 10.55 -9.43
N ASN A 349 -8.98 10.88 -10.34
CA ASN A 349 -10.33 10.31 -10.40
C ASN A 349 -11.24 10.82 -9.28
N VAL A 350 -10.97 12.00 -8.73
CA VAL A 350 -11.94 12.64 -7.84
C VAL A 350 -12.76 13.62 -8.67
N ALA A 351 -13.72 14.29 -8.04
CA ALA A 351 -14.62 15.20 -8.73
C ALA A 351 -14.10 16.62 -8.71
N LEU A 352 -14.67 17.45 -9.60
CA LEU A 352 -14.23 18.83 -9.80
C LEU A 352 -15.36 19.77 -9.42
N THR A 353 -15.07 20.70 -8.49
CA THR A 353 -16.08 21.66 -8.07
C THR A 353 -16.16 22.83 -9.05
N ASP A 354 -17.22 23.62 -8.93
CA ASP A 354 -17.41 24.76 -9.83
C ASP A 354 -16.31 25.80 -9.64
N ASP A 355 -15.70 25.85 -8.46
CA ASP A 355 -14.64 26.80 -8.17
C ASP A 355 -13.24 26.26 -8.47
N GLY A 356 -13.14 25.10 -9.11
CA GLY A 356 -11.85 24.55 -9.45
C GLY A 356 -11.14 23.82 -8.34
N ASP A 357 -11.88 23.35 -7.32
CA ASP A 357 -11.33 22.53 -6.26
C ASP A 357 -11.73 21.07 -6.52
N VAL A 358 -11.28 20.18 -5.63
CA VAL A 358 -11.61 18.77 -5.76
C VAL A 358 -12.63 18.41 -4.68
N TRP A 359 -13.33 17.29 -4.91
CA TRP A 359 -14.32 16.79 -3.97
C TRP A 359 -14.43 15.29 -4.11
N TRP A 360 -14.66 14.61 -3.00
CA TRP A 360 -14.89 13.18 -2.98
C TRP A 360 -15.90 12.88 -1.88
N GLU A 361 -16.62 11.77 -2.05
CA GLU A 361 -17.57 11.32 -1.04
C GLU A 361 -16.91 11.24 0.33
N GLY A 362 -17.59 11.80 1.34
CA GLY A 362 -17.06 11.92 2.68
C GLY A 362 -16.71 13.35 3.07
N MET A 363 -16.38 14.19 2.09
CA MET A 363 -16.06 15.58 2.38
C MET A 363 -17.27 16.37 2.86
N GLU A 364 -18.49 15.90 2.56
CA GLU A 364 -19.68 16.59 3.03
C GLU A 364 -19.80 16.59 4.55
N GLN A 365 -19.09 15.69 5.24
N GLN A 365 -19.11 15.67 5.24
CA GLN A 365 -19.15 15.69 6.70
CA GLN A 365 -19.10 15.68 6.69
C GLN A 365 -18.57 16.96 7.31
C GLN A 365 -18.65 17.02 7.25
N ASP A 366 -17.76 17.70 6.55
CA ASP A 366 -17.24 19.00 6.98
C ASP A 366 -18.00 20.17 6.38
N ALA A 367 -19.09 19.90 5.65
CA ALA A 367 -19.80 20.93 4.90
C ALA A 367 -20.94 21.53 5.70
N PRO A 368 -21.35 22.75 5.38
CA PRO A 368 -22.51 23.35 6.04
C PRO A 368 -23.76 22.49 5.85
N GLY A 369 -24.43 22.19 6.95
CA GLY A 369 -25.54 21.26 6.94
C GLY A 369 -25.15 19.85 6.55
N LYS A 370 -23.84 19.56 6.47
CA LYS A 370 -23.34 18.25 6.04
C LYS A 370 -23.94 17.86 4.69
N ALA A 371 -24.08 18.84 3.81
CA ALA A 371 -24.77 18.67 2.54
C ALA A 371 -23.80 18.47 1.39
N LEU A 372 -24.26 17.74 0.38
CA LEU A 372 -23.47 17.52 -0.82
C LEU A 372 -23.37 18.81 -1.63
N PRO A 373 -22.33 18.95 -2.44
CA PRO A 373 -22.24 20.12 -3.33
C PRO A 373 -23.40 20.17 -4.30
N ASP A 374 -23.78 21.39 -4.68
CA ASP A 374 -24.91 21.56 -5.58
C ASP A 374 -24.64 20.98 -6.95
N HIS A 375 -23.40 21.10 -7.43
CA HIS A 375 -23.04 20.61 -8.75
C HIS A 375 -21.56 20.26 -8.76
N LEU A 376 -21.22 19.18 -9.45
CA LEU A 376 -19.84 18.76 -9.65
C LEU A 376 -19.69 18.17 -11.03
N ILE A 377 -18.44 18.03 -11.47
CA ILE A 377 -18.10 17.25 -12.64
C ILE A 377 -17.42 15.98 -12.12
N ASP A 378 -18.07 14.83 -12.32
CA ASP A 378 -17.55 13.61 -11.73
C ASP A 378 -16.31 13.15 -12.48
N TRP A 379 -15.71 12.06 -11.99
CA TRP A 379 -14.45 11.58 -12.55
C TRP A 379 -14.58 11.11 -13.99
N GLN A 380 -15.81 10.96 -14.51
CA GLN A 380 -16.03 10.62 -15.91
C GLN A 380 -16.41 11.84 -16.75
N GLY A 381 -16.31 13.04 -16.19
CA GLY A 381 -16.61 14.25 -16.92
C GLY A 381 -18.09 14.60 -17.02
N LYS A 382 -18.95 13.86 -16.33
CA LYS A 382 -20.39 14.07 -16.42
C LYS A 382 -20.87 15.03 -15.34
N ASP A 383 -21.98 15.72 -15.63
CA ASP A 383 -22.62 16.54 -14.63
C ASP A 383 -23.09 15.68 -13.45
N TRP A 384 -22.93 16.22 -12.24
CA TRP A 384 -23.26 15.49 -11.03
C TRP A 384 -24.00 16.42 -10.09
N THR A 385 -25.10 15.94 -9.53
CA THR A 385 -25.93 16.69 -8.60
C THR A 385 -26.34 15.78 -7.46
N PRO A 386 -26.74 16.34 -6.31
CA PRO A 386 -27.30 15.49 -5.26
C PRO A 386 -28.52 14.72 -5.71
N GLN A 387 -29.29 15.25 -6.65
CA GLN A 387 -30.44 14.52 -7.17
C GLN A 387 -30.00 13.30 -7.98
N ILE A 388 -28.98 13.47 -8.82
CA ILE A 388 -28.44 12.34 -9.57
C ILE A 388 -27.91 11.28 -8.61
N ALA A 389 -27.20 11.71 -7.56
CA ALA A 389 -26.67 10.76 -6.59
C ALA A 389 -27.79 10.06 -5.82
N LYS A 390 -28.83 10.81 -5.44
CA LYS A 390 -29.93 10.22 -4.69
C LYS A 390 -30.73 9.23 -5.54
N GLU A 391 -30.85 9.50 -6.84
CA GLU A 391 -31.67 8.66 -7.70
C GLU A 391 -30.92 7.51 -8.34
N THR A 392 -29.63 7.68 -8.61
CA THR A 392 -28.85 6.65 -9.31
C THR A 392 -27.69 6.10 -8.50
N GLY A 393 -27.32 6.73 -7.39
CA GLY A 393 -26.15 6.31 -6.64
C GLY A 393 -24.83 6.61 -7.31
N ALA A 394 -24.82 7.45 -8.35
CA ALA A 394 -23.58 7.80 -9.03
C ALA A 394 -22.61 8.45 -8.05
N LYS A 395 -21.37 7.98 -8.05
CA LYS A 395 -20.33 8.53 -7.19
C LYS A 395 -19.57 9.62 -7.94
N ALA A 396 -19.39 10.77 -7.30
CA ALA A 396 -18.63 11.85 -7.91
C ALA A 396 -17.17 11.46 -8.08
N ALA A 397 -16.57 10.89 -7.05
CA ALA A 397 -15.21 10.36 -7.12
C ALA A 397 -15.26 8.85 -7.23
N HIS A 398 -14.34 8.28 -8.00
CA HIS A 398 -14.26 6.83 -8.10
C HIS A 398 -13.92 6.25 -6.73
N PRO A 399 -14.46 5.07 -6.39
CA PRO A 399 -14.15 4.47 -5.08
C PRO A 399 -12.68 4.19 -4.86
N ASN A 400 -11.88 4.04 -5.91
CA ASN A 400 -10.44 3.89 -5.80
C ASN A 400 -9.69 5.15 -6.27
N SER A 401 -10.35 6.30 -6.21
CA SER A 401 -9.66 7.55 -6.50
C SER A 401 -8.55 7.77 -5.47
N ARG A 402 -7.52 8.50 -5.87
CA ARG A 402 -6.28 8.57 -5.12
C ARG A 402 -5.77 10.00 -5.05
N PHE A 403 -5.04 10.30 -3.98
CA PHE A 403 -4.18 11.47 -3.88
C PHE A 403 -2.73 11.01 -3.84
N THR A 404 -1.84 11.82 -4.43
CA THR A 404 -0.40 11.61 -4.34
C THR A 404 0.22 12.85 -3.72
N VAL A 405 0.88 12.68 -2.57
CA VAL A 405 1.37 13.82 -1.80
C VAL A 405 2.67 13.42 -1.11
N ALA A 406 3.57 14.39 -0.97
CA ALA A 406 4.85 14.14 -0.33
C ALA A 406 4.66 13.89 1.17
N ALA A 407 5.48 13.00 1.72
CA ALA A 407 5.37 12.69 3.14
C ALA A 407 5.61 13.92 4.00
N THR A 408 6.45 14.85 3.53
CA THR A 408 6.74 16.05 4.31
C THR A 408 5.55 16.98 4.47
N ASN A 409 4.48 16.78 3.69
CA ASN A 409 3.25 17.54 3.89
C ASN A 409 2.49 17.11 5.14
N ASN A 410 2.80 15.93 5.69
CA ASN A 410 2.06 15.39 6.80
C ASN A 410 2.46 16.09 8.10
N PRO A 411 1.53 16.77 8.78
CA PRO A 411 1.89 17.43 10.05
C PRO A 411 2.35 16.46 11.12
N ALA A 412 1.91 15.21 11.06
CA ALA A 412 2.26 14.20 12.05
C ALA A 412 3.45 13.34 11.61
N LEU A 413 4.21 13.80 10.62
CA LEU A 413 5.36 13.03 10.15
C LEU A 413 6.38 12.86 11.27
N ASP A 414 6.79 11.60 11.49
CA ASP A 414 7.78 11.32 12.52
C ASP A 414 9.15 11.82 12.10
N SER A 415 9.91 12.33 13.08
CA SER A 415 11.23 12.88 12.76
C SER A 415 12.20 11.82 12.25
N ALA A 416 11.92 10.54 12.50
CA ALA A 416 12.76 9.45 12.00
C ALA A 416 12.17 8.78 10.76
N TRP A 417 11.23 9.44 10.08
CA TRP A 417 10.56 8.81 8.93
C TRP A 417 11.55 8.42 7.84
N ASP A 418 12.64 9.18 7.68
CA ASP A 418 13.66 8.85 6.69
C ASP A 418 14.99 8.49 7.34
N ASP A 419 14.97 8.01 8.58
CA ASP A 419 16.18 7.57 9.26
C ASP A 419 16.55 6.18 8.78
N PRO A 420 17.67 6.01 8.06
CA PRO A 420 18.02 4.69 7.55
C PRO A 420 18.34 3.67 8.64
N LYS A 421 18.55 4.10 9.88
CA LYS A 421 18.73 3.15 10.97
C LYS A 421 17.44 2.45 11.37
N GLY A 422 16.29 3.00 10.97
CA GLY A 422 15.02 2.38 11.25
C GLY A 422 14.56 2.57 12.68
N VAL A 423 13.36 2.05 12.95
CA VAL A 423 12.76 2.12 14.27
C VAL A 423 12.46 0.69 14.73
N ALA A 424 12.59 0.47 16.04
CA ALA A 424 12.37 -0.85 16.60
C ALA A 424 10.87 -1.12 16.72
N ILE A 425 10.44 -2.28 16.22
CA ILE A 425 9.03 -2.63 16.18
C ILE A 425 8.67 -3.36 17.47
N ASP A 426 7.75 -2.76 18.25
CA ASP A 426 7.33 -3.34 19.51
C ASP A 426 6.13 -4.26 19.37
N ALA A 427 5.38 -4.15 18.26
CA ALA A 427 4.24 -5.02 18.04
C ALA A 427 3.89 -4.98 16.56
N PHE A 428 3.37 -6.10 16.08
CA PHE A 428 2.77 -6.19 14.76
C PHE A 428 1.25 -6.25 14.90
N ILE A 429 0.57 -5.72 13.89
CA ILE A 429 -0.90 -5.78 13.82
C ILE A 429 -1.27 -6.32 12.44
N PHE A 430 -2.23 -7.24 12.42
CA PHE A 430 -2.78 -7.77 11.18
C PHE A 430 -4.29 -7.67 11.26
N GLY A 431 -4.93 -7.30 10.15
CA GLY A 431 -6.36 -7.17 10.20
C GLY A 431 -6.99 -6.99 8.83
N GLY A 432 -8.01 -7.78 8.55
CA GLY A 432 -8.75 -7.68 7.31
C GLY A 432 -10.10 -7.01 7.50
N ARG A 433 -10.75 -6.75 6.37
CA ARG A 433 -12.10 -6.19 6.35
C ARG A 433 -13.07 -7.35 6.51
N ARG A 434 -13.58 -7.56 7.73
CA ARG A 434 -14.46 -8.69 8.03
C ARG A 434 -15.75 -8.17 8.65
N SER A 435 -16.88 -8.45 7.98
CA SER A 435 -18.17 -8.04 8.51
C SER A 435 -18.63 -8.88 9.68
N THR A 436 -18.12 -10.10 9.80
CA THR A 436 -18.48 -11.02 10.87
C THR A 436 -17.23 -11.60 11.50
N THR A 437 -17.44 -12.43 12.53
CA THR A 437 -16.48 -13.40 13.04
C THR A 437 -15.32 -12.81 13.85
N VAL A 438 -14.52 -11.95 13.24
CA VAL A 438 -13.26 -11.54 13.86
C VAL A 438 -13.54 -10.46 14.91
N PRO A 439 -13.08 -10.63 16.15
CA PRO A 439 -13.33 -9.62 17.18
C PRO A 439 -12.47 -8.38 16.95
N LEU A 440 -12.73 -7.36 17.79
CA LEU A 440 -12.11 -6.05 17.62
C LEU A 440 -10.59 -6.12 17.72
N VAL A 441 -10.07 -6.82 18.73
CA VAL A 441 -8.63 -6.92 18.92
C VAL A 441 -8.33 -8.18 19.72
N THR A 442 -7.28 -8.89 19.30
CA THR A 442 -6.85 -10.13 19.95
C THR A 442 -5.33 -10.19 19.94
N GLU A 443 -4.73 -10.54 21.07
CA GLU A 443 -3.28 -10.69 21.19
C GLU A 443 -2.91 -12.17 21.09
N ALA A 444 -1.97 -12.49 20.20
CA ALA A 444 -1.54 -13.86 20.05
C ALA A 444 -0.75 -14.33 21.26
N ARG A 445 -0.94 -15.60 21.64
CA ARG A 445 -0.26 -16.16 22.81
C ARG A 445 1.21 -16.45 22.56
N SER A 446 1.63 -16.55 21.30
CA SER A 446 3.02 -16.83 20.98
C SER A 446 3.31 -16.34 19.57
N TRP A 447 4.60 -16.30 19.24
CA TRP A 447 5.00 -15.91 17.89
C TRP A 447 4.37 -16.84 16.85
N VAL A 448 4.37 -18.15 17.11
CA VAL A 448 3.81 -19.10 16.16
C VAL A 448 2.31 -18.86 15.98
N GLU A 449 1.58 -18.65 17.08
CA GLU A 449 0.16 -18.36 16.95
C GLU A 449 -0.09 -17.04 16.24
N GLY A 450 0.82 -16.08 16.40
CA GLY A 450 0.70 -14.83 15.67
C GLY A 450 0.92 -15.02 14.18
N VAL A 451 1.93 -15.81 13.81
CA VAL A 451 2.14 -16.13 12.40
C VAL A 451 0.92 -16.87 11.83
N TYR A 452 0.31 -17.74 12.64
CA TYR A 452 -0.93 -18.39 12.22
C TYR A 452 -2.01 -17.35 11.95
N MET A 453 -2.20 -16.40 12.89
CA MET A 453 -3.15 -15.31 12.70
C MET A 453 -2.95 -14.62 11.36
N ALA A 454 -1.71 -14.22 11.08
CA ALA A 454 -1.42 -13.48 9.86
C ALA A 454 -1.54 -14.36 8.62
N ALA A 455 -1.15 -15.64 8.73
CA ALA A 455 -1.20 -16.53 7.58
C ALA A 455 -2.62 -16.84 7.14
N THR A 456 -3.57 -16.88 8.07
CA THR A 456 -4.92 -17.33 7.79
C THR A 456 -5.95 -16.20 7.72
N MET A 457 -5.52 -14.96 7.87
CA MET A 457 -6.47 -13.85 7.89
C MET A 457 -7.23 -13.77 6.56
N GLY A 458 -8.50 -13.35 6.66
CA GLY A 458 -9.32 -13.11 5.50
C GLY A 458 -9.73 -11.65 5.44
N SER A 459 -10.24 -11.25 4.28
CA SER A 459 -10.60 -9.85 4.07
C SER A 459 -11.55 -9.76 2.88
N GLU A 460 -12.50 -8.84 2.97
CA GLU A 460 -13.44 -8.61 1.88
C GLU A 460 -12.79 -7.76 0.80
N THR A 461 -12.94 -8.17 -0.46
CA THR A 461 -12.31 -7.47 -1.58
C THR A 461 -12.79 -6.02 -1.63
N THR A 462 -11.94 -5.15 -2.16
CA THR A 462 -12.18 -3.71 -2.24
C THR A 462 -11.98 -3.25 -3.68
N ALA A 463 -12.23 -1.95 -3.89
CA ALA A 463 -12.08 -1.35 -5.21
C ALA A 463 -10.62 -1.10 -5.59
N ALA A 464 -9.66 -1.42 -4.71
CA ALA A 464 -8.25 -1.24 -5.02
C ALA A 464 -7.77 -2.17 -6.12
N ALA A 465 -8.54 -3.21 -6.43
CA ALA A 465 -8.28 -4.07 -7.58
C ALA A 465 -9.59 -4.32 -8.31
N THR A 466 -9.50 -4.59 -9.60
CA THR A 466 -10.69 -4.90 -10.37
C THR A 466 -11.31 -6.20 -9.88
N GLY A 467 -12.61 -6.35 -10.12
CA GLY A 467 -13.36 -7.52 -9.71
C GLY A 467 -14.47 -7.15 -8.74
N GLN A 468 -15.18 -8.20 -8.30
CA GLN A 468 -16.33 -8.02 -7.43
C GLN A 468 -15.87 -7.65 -6.02
N ALA A 469 -16.25 -6.47 -5.55
CA ALA A 469 -15.92 -6.04 -4.21
C ALA A 469 -16.83 -6.72 -3.19
N GLY A 470 -16.38 -6.75 -1.94
CA GLY A 470 -17.19 -7.25 -0.85
C GLY A 470 -17.18 -8.75 -0.66
N VAL A 471 -16.27 -9.47 -1.33
CA VAL A 471 -16.18 -10.93 -1.24
C VAL A 471 -15.04 -11.29 -0.29
N VAL A 472 -15.33 -12.16 0.67
CA VAL A 472 -14.30 -12.61 1.60
C VAL A 472 -13.32 -13.51 0.87
N ARG A 473 -12.02 -13.25 1.05
CA ARG A 473 -10.98 -14.11 0.51
C ARG A 473 -9.84 -14.17 1.51
N ARG A 474 -9.05 -15.24 1.40
CA ARG A 474 -7.82 -15.33 2.18
C ARG A 474 -6.80 -14.32 1.63
N ASP A 475 -6.17 -13.58 2.53
CA ASP A 475 -5.16 -12.59 2.18
C ASP A 475 -4.07 -12.66 3.23
N PRO A 476 -3.21 -13.67 3.14
CA PRO A 476 -2.20 -13.88 4.19
C PRO A 476 -1.27 -12.68 4.29
N PHE A 477 -1.13 -12.14 5.51
CA PHE A 477 -0.25 -11.01 5.81
C PHE A 477 -0.60 -9.77 5.01
N ALA A 478 -1.82 -9.71 4.47
CA ALA A 478 -2.23 -8.66 3.53
C ALA A 478 -1.30 -8.61 2.32
N MET A 479 -0.69 -9.74 1.99
CA MET A 479 0.30 -9.82 0.91
C MET A 479 -0.16 -10.68 -0.26
N LEU A 480 -1.44 -11.06 -0.33
CA LEU A 480 -1.91 -11.88 -1.45
C LEU A 480 -1.55 -11.30 -2.81
N PRO A 481 -1.71 -10.01 -3.09
CA PRO A 481 -1.33 -9.49 -4.41
C PRO A 481 0.13 -9.11 -4.57
N PHE A 482 0.95 -9.25 -3.52
CA PHE A 482 2.29 -8.68 -3.51
C PHE A 482 3.39 -9.65 -3.14
N MET A 483 3.08 -10.89 -2.80
CA MET A 483 4.11 -11.83 -2.38
C MET A 483 4.94 -12.27 -3.58
N GLY A 484 6.26 -12.14 -3.46
CA GLY A 484 7.14 -12.36 -4.58
C GLY A 484 7.60 -13.79 -4.79
N TYR A 485 7.23 -14.71 -3.90
CA TYR A 485 7.62 -16.11 -4.04
C TYR A 485 6.52 -16.96 -3.42
N ASN A 486 6.81 -18.25 -3.20
CA ASN A 486 5.80 -19.16 -2.70
C ASN A 486 5.37 -18.76 -1.29
N MET A 487 4.06 -18.64 -1.10
CA MET A 487 3.52 -18.15 0.17
C MET A 487 3.87 -19.05 1.34
N SER A 488 4.02 -20.35 1.09
CA SER A 488 4.36 -21.27 2.18
C SER A 488 5.80 -21.07 2.64
N ASP A 489 6.71 -20.78 1.72
CA ASP A 489 8.07 -20.43 2.12
C ASP A 489 8.10 -19.11 2.88
N TYR A 490 7.20 -18.19 2.52
CA TYR A 490 7.09 -16.92 3.23
C TYR A 490 6.64 -17.14 4.67
N PHE A 491 5.69 -18.07 4.89
CA PHE A 491 5.31 -18.42 6.25
C PHE A 491 6.52 -18.93 7.03
N GLN A 492 7.30 -19.83 6.42
CA GLN A 492 8.48 -20.37 7.08
C GLN A 492 9.48 -19.26 7.40
N HIS A 493 9.59 -18.27 6.50
CA HIS A 493 10.50 -17.15 6.73
C HIS A 493 10.14 -16.42 8.01
N TRP A 494 8.85 -16.13 8.20
CA TRP A 494 8.41 -15.45 9.42
C TRP A 494 8.66 -16.32 10.66
N LEU A 495 8.47 -17.63 10.55
CA LEU A 495 8.72 -18.51 11.69
C LEU A 495 10.20 -18.56 12.03
N ASP A 496 11.06 -18.65 11.00
CA ASP A 496 12.50 -18.67 11.24
C ASP A 496 12.98 -17.35 11.81
N LEU A 497 12.37 -16.23 11.41
CA LEU A 497 12.74 -14.94 11.97
C LEU A 497 12.48 -14.90 13.47
N GLY A 498 11.31 -15.38 13.89
CA GLY A 498 11.01 -15.40 15.32
C GLY A 498 12.02 -16.20 16.12
N LYS A 499 12.42 -17.36 15.59
CA LYS A 499 13.42 -18.18 16.28
C LYS A 499 14.76 -17.45 16.39
N LYS A 500 15.13 -16.70 15.34
CA LYS A 500 16.35 -15.91 15.40
C LYS A 500 16.27 -14.86 16.51
N LEU A 501 15.13 -14.18 16.63
CA LEU A 501 14.97 -13.18 17.67
C LEU A 501 15.00 -13.81 19.06
N ALA A 502 14.32 -14.94 19.23
CA ALA A 502 14.25 -15.58 20.53
C ALA A 502 15.61 -16.06 21.02
N ALA A 503 16.50 -16.44 20.09
CA ALA A 503 17.81 -16.96 20.47
C ALA A 503 18.68 -15.89 21.13
N SER A 504 18.42 -14.61 20.86
CA SER A 504 19.14 -13.56 21.55
C SER A 504 18.77 -13.45 23.02
N GLY A 505 17.67 -14.08 23.43
CA GLY A 505 17.13 -13.90 24.76
C GLY A 505 16.10 -12.80 24.87
N ALA A 506 15.83 -12.07 23.79
CA ALA A 506 14.88 -10.97 23.83
C ALA A 506 13.45 -11.49 23.91
N THR A 507 12.56 -10.62 24.38
CA THR A 507 11.12 -10.86 24.25
C THR A 507 10.69 -10.47 22.85
N LEU A 508 9.92 -11.33 22.20
CA LEU A 508 9.54 -11.06 20.83
C LEU A 508 8.44 -10.00 20.77
N PRO A 509 8.33 -9.28 19.65
CA PRO A 509 7.21 -8.33 19.51
C PRO A 509 5.88 -9.07 19.57
N LYS A 510 4.90 -8.42 20.19
CA LYS A 510 3.55 -8.97 20.21
C LYS A 510 2.94 -8.90 18.80
N ILE A 511 2.06 -9.85 18.52
CA ILE A 511 1.31 -9.89 17.27
C ILE A 511 -0.17 -9.80 17.61
N TYR A 512 -0.88 -8.88 16.97
CA TYR A 512 -2.29 -8.65 17.22
C TYR A 512 -3.11 -8.84 15.95
N THR A 513 -4.36 -9.24 16.14
N THR A 513 -4.35 -9.29 16.13
CA THR A 513 -5.36 -9.26 15.06
CA THR A 513 -5.35 -9.24 15.09
C THR A 513 -6.46 -8.26 15.41
C THR A 513 -6.39 -8.18 15.44
N THR A 514 -6.77 -7.37 14.47
CA THR A 514 -7.77 -6.34 14.66
C THR A 514 -8.84 -6.46 13.58
N ASN A 515 -10.00 -5.88 13.87
CA ASN A 515 -11.09 -5.80 12.90
C ASN A 515 -11.90 -4.55 13.20
N TRP A 516 -11.75 -3.52 12.37
CA TRP A 516 -12.55 -2.31 12.54
C TRP A 516 -13.92 -2.43 11.89
N PHE A 517 -14.22 -3.53 11.20
CA PHE A 517 -15.23 -3.49 10.14
C PHE A 517 -16.40 -4.45 10.35
N ARG A 518 -16.69 -4.83 11.59
N ARG A 518 -16.70 -4.82 11.60
CA ARG A 518 -17.89 -5.61 11.86
CA ARG A 518 -17.89 -5.62 11.85
C ARG A 518 -19.13 -4.79 11.54
C ARG A 518 -19.14 -4.80 11.56
N LYS A 519 -20.13 -5.44 10.93
CA LYS A 519 -21.35 -4.78 10.50
C LYS A 519 -22.56 -5.27 11.27
N GLY A 520 -23.51 -4.36 11.47
CA GLY A 520 -24.79 -4.70 12.08
C GLY A 520 -25.78 -5.23 11.07
N THR A 521 -27.03 -5.39 11.53
CA THR A 521 -28.06 -5.95 10.67
C THR A 521 -28.41 -5.04 9.49
N ASP A 522 -28.12 -3.75 9.59
CA ASP A 522 -28.38 -2.81 8.51
C ASP A 522 -27.18 -2.60 7.60
N GLY A 523 -26.09 -3.32 7.81
CA GLY A 523 -24.90 -3.19 7.00
C GLY A 523 -23.97 -2.06 7.41
N LYS A 524 -24.27 -1.35 8.49
CA LYS A 524 -23.40 -0.27 8.96
C LYS A 524 -22.41 -0.82 9.97
N PHE A 525 -21.33 -0.06 10.17
CA PHE A 525 -20.23 -0.51 11.03
C PHE A 525 -20.59 -0.32 12.50
N VAL A 526 -20.36 -1.37 13.30
CA VAL A 526 -20.68 -1.31 14.72
C VAL A 526 -19.63 -0.51 15.48
N TRP A 527 -18.37 -0.61 15.07
CA TRP A 527 -17.26 0.09 15.71
C TRP A 527 -16.98 1.40 14.98
N PRO A 528 -16.93 2.53 15.68
CA PRO A 528 -16.73 3.82 14.98
C PRO A 528 -15.42 3.91 14.23
N GLY A 529 -14.36 3.29 14.73
CA GLY A 529 -13.11 3.26 13.99
C GLY A 529 -12.43 4.63 13.89
N TYR A 530 -11.56 4.73 12.88
CA TYR A 530 -10.75 5.91 12.63
C TYR A 530 -10.01 6.37 13.89
N GLY A 531 -10.28 7.59 14.35
CA GLY A 531 -9.60 8.10 15.53
C GLY A 531 -9.85 7.26 16.77
N GLU A 532 -11.01 6.62 16.86
CA GLU A 532 -11.31 5.81 18.04
C GLU A 532 -10.46 4.55 18.11
N ASN A 533 -9.80 4.17 17.00
CA ASN A 533 -8.87 3.04 17.06
C ASN A 533 -7.71 3.29 18.01
N MET A 534 -7.48 4.56 18.39
CA MET A 534 -6.51 4.87 19.44
C MET A 534 -6.79 4.09 20.72
N ARG A 535 -8.06 3.84 21.02
CA ARG A 535 -8.41 3.13 22.25
C ARG A 535 -7.96 1.67 22.21
N VAL A 536 -7.89 1.09 21.02
CA VAL A 536 -7.31 -0.24 20.85
C VAL A 536 -5.80 -0.18 20.91
N LEU A 537 -5.20 0.80 20.22
CA LEU A 537 -3.75 0.96 20.24
C LEU A 537 -3.22 1.17 21.65
N ALA A 538 -3.95 1.95 22.46
CA ALA A 538 -3.51 2.21 23.83
C ALA A 538 -3.49 0.94 24.68
N TRP A 539 -4.45 0.03 24.45
CA TRP A 539 -4.40 -1.25 25.15
C TRP A 539 -3.17 -2.05 24.75
N MET A 540 -2.84 -2.05 23.46
CA MET A 540 -1.61 -2.71 23.02
C MET A 540 -0.39 -2.16 23.74
N ILE A 541 -0.32 -0.84 23.91
CA ILE A 541 0.80 -0.24 24.62
C ILE A 541 0.82 -0.72 26.07
N ASP A 542 -0.36 -0.79 26.71
CA ASP A 542 -0.44 -1.34 28.06
C ASP A 542 0.11 -2.76 28.12
N ARG A 543 -0.24 -3.59 27.13
CA ARG A 543 0.25 -4.98 27.13
C ARG A 543 1.76 -5.01 26.90
N ILE A 544 2.28 -4.14 26.05
CA ILE A 544 3.72 -4.06 25.83
C ILE A 544 4.44 -3.73 27.13
N GLU A 545 3.86 -2.85 27.94
CA GLU A 545 4.45 -2.48 29.22
C GLU A 545 4.17 -3.48 30.32
N GLY A 546 3.39 -4.53 30.05
CA GLY A 546 3.03 -5.48 31.08
C GLY A 546 2.06 -4.97 32.12
N LYS A 547 1.33 -3.90 31.81
CA LYS A 547 0.38 -3.29 32.73
C LYS A 547 -1.07 -3.46 32.28
N GLY A 548 -1.31 -4.07 31.14
CA GLY A 548 -2.66 -4.25 30.62
C GLY A 548 -3.20 -5.64 30.91
N GLN A 549 -4.44 -5.70 31.35
CA GLN A 549 -5.08 -6.98 31.61
C GLN A 549 -5.83 -7.46 30.37
N GLY A 550 -6.15 -8.75 30.38
CA GLY A 550 -6.90 -9.35 29.29
C GLY A 550 -7.39 -10.72 29.68
N GLU A 551 -8.37 -11.20 28.92
CA GLU A 551 -8.96 -12.50 29.12
C GLU A 551 -8.54 -13.45 28.01
N ASP A 552 -8.31 -14.71 28.37
CA ASP A 552 -7.93 -15.73 27.41
C ASP A 552 -9.18 -16.33 26.77
N HIS A 553 -9.19 -16.40 25.45
CA HIS A 553 -10.29 -17.05 24.74
C HIS A 553 -9.69 -17.89 23.61
N VAL A 554 -10.56 -18.30 22.68
CA VAL A 554 -10.19 -19.33 21.72
C VAL A 554 -8.98 -18.92 20.89
N THR A 555 -8.99 -17.69 20.38
CA THR A 555 -7.95 -17.27 19.43
C THR A 555 -6.85 -16.44 20.08
N GLY A 556 -6.95 -16.14 21.36
CA GLY A 556 -5.89 -15.38 22.00
C GLY A 556 -6.43 -14.64 23.22
N ILE A 557 -5.82 -13.50 23.51
CA ILE A 557 -6.13 -12.69 24.67
C ILE A 557 -6.79 -11.41 24.20
N SER A 558 -7.95 -11.08 24.76
CA SER A 558 -8.66 -9.86 24.41
C SER A 558 -8.93 -9.03 25.66
N PRO A 559 -9.00 -7.71 25.51
CA PRO A 559 -9.30 -6.87 26.68
C PRO A 559 -10.76 -6.99 27.08
N SER A 560 -11.01 -6.78 28.37
CA SER A 560 -12.36 -6.57 28.85
C SER A 560 -12.73 -5.11 28.68
N TYR A 561 -14.02 -4.81 28.86
CA TYR A 561 -14.51 -3.44 28.69
C TYR A 561 -13.73 -2.47 29.57
N GLU A 562 -13.46 -2.87 30.82
CA GLU A 562 -12.77 -2.00 31.76
C GLU A 562 -11.30 -1.83 31.45
N ASP A 563 -10.75 -2.55 30.47
CA ASP A 563 -9.34 -2.44 30.12
C ASP A 563 -9.06 -1.35 29.10
N LEU A 564 -10.09 -0.74 28.52
CA LEU A 564 -9.94 0.33 27.56
C LEU A 564 -10.38 1.66 28.15
N ASN A 565 -9.88 2.74 27.58
CA ASN A 565 -10.24 4.09 27.97
C ASN A 565 -11.40 4.56 27.10
N TRP A 566 -12.56 4.79 27.75
CA TRP A 566 -13.77 5.17 27.04
C TRP A 566 -14.11 6.65 27.22
N THR A 567 -13.21 7.43 27.81
CA THR A 567 -13.46 8.86 27.96
C THR A 567 -13.65 9.52 26.60
N GLY A 568 -14.76 10.21 26.43
CA GLY A 568 -15.05 10.93 25.20
C GLY A 568 -15.77 10.14 24.14
N LEU A 569 -16.12 8.88 24.39
CA LEU A 569 -16.81 8.04 23.41
C LEU A 569 -17.94 7.32 24.10
N ASP A 570 -19.17 7.51 23.60
CA ASP A 570 -20.34 6.82 24.12
C ASP A 570 -20.42 5.46 23.45
N PHE A 571 -19.71 4.49 24.01
CA PHE A 571 -19.68 3.12 23.50
C PHE A 571 -19.90 2.21 24.70
N SER A 572 -21.05 1.55 24.75
CA SER A 572 -21.48 0.83 25.93
C SER A 572 -20.76 -0.51 26.06
N ALA A 573 -20.92 -1.13 27.23
CA ALA A 573 -20.39 -2.47 27.45
C ALA A 573 -21.08 -3.49 26.56
N ASP A 574 -22.37 -3.31 26.30
CA ASP A 574 -23.08 -4.23 25.40
C ASP A 574 -22.53 -4.12 23.99
N GLN A 575 -22.27 -2.90 23.50
CA GLN A 575 -21.67 -2.75 22.18
C GLN A 575 -20.28 -3.38 22.14
N PHE A 576 -19.50 -3.22 23.22
CA PHE A 576 -18.19 -3.84 23.29
C PHE A 576 -18.30 -5.36 23.24
N ASN A 577 -19.32 -5.92 23.91
N ASN A 577 -19.32 -5.92 23.91
CA ASN A 577 -19.51 -7.36 23.89
CA ASN A 577 -19.50 -7.36 23.90
C ASN A 577 -19.81 -7.87 22.49
C ASN A 577 -19.82 -7.87 22.50
N THR A 578 -20.54 -7.09 21.70
CA THR A 578 -20.88 -7.51 20.35
C THR A 578 -19.63 -7.70 19.49
N VAL A 579 -18.72 -6.72 19.54
CA VAL A 579 -17.55 -6.75 18.65
C VAL A 579 -16.37 -7.50 19.25
N THR A 580 -16.48 -8.03 20.47
CA THR A 580 -15.41 -8.82 21.06
C THR A 580 -15.79 -10.25 21.40
N SER A 581 -17.08 -10.61 21.34
CA SER A 581 -17.48 -11.97 21.65
C SER A 581 -16.94 -12.95 20.63
N ILE A 582 -16.48 -14.10 21.11
CA ILE A 582 -16.04 -15.19 20.26
C ILE A 582 -17.22 -16.11 20.03
N ASP A 583 -17.72 -16.14 18.78
CA ASP A 583 -18.85 -16.99 18.43
C ASP A 583 -18.33 -18.34 17.95
N LYS A 584 -18.70 -19.40 18.67
CA LYS A 584 -18.18 -20.73 18.36
C LYS A 584 -18.53 -21.15 16.94
N ALA A 585 -19.79 -20.98 16.53
CA ALA A 585 -20.20 -21.39 15.20
C ALA A 585 -19.43 -20.64 14.12
N ALA A 586 -19.27 -19.32 14.30
CA ALA A 586 -18.57 -18.52 13.31
C ALA A 586 -17.12 -18.97 13.15
N TRP A 587 -16.47 -19.34 14.26
CA TRP A 587 -15.06 -19.70 14.17
C TRP A 587 -14.86 -21.14 13.71
N LEU A 588 -15.83 -22.03 13.95
CA LEU A 588 -15.76 -23.35 13.33
C LEU A 588 -15.81 -23.24 11.81
N LYS A 589 -16.71 -22.42 11.29
CA LYS A 589 -16.76 -22.18 9.85
C LYS A 589 -15.47 -21.55 9.35
N GLU A 590 -14.90 -20.61 10.12
CA GLU A 590 -13.69 -19.93 9.69
C GLU A 590 -12.50 -20.90 9.62
N LEU A 591 -12.39 -21.81 10.59
CA LEU A 591 -11.27 -22.75 10.56
C LEU A 591 -11.36 -23.70 9.39
N GLU A 592 -12.58 -24.02 8.93
CA GLU A 592 -12.72 -24.83 7.72
C GLU A 592 -12.21 -24.07 6.49
N LEU A 593 -12.38 -22.75 6.48
CA LEU A 593 -11.78 -21.97 5.40
C LEU A 593 -10.26 -21.92 5.53
N HIS A 594 -9.73 -22.01 6.75
CA HIS A 594 -8.29 -22.15 6.93
C HIS A 594 -7.81 -23.47 6.33
N ALA A 595 -8.57 -24.55 6.54
CA ALA A 595 -8.18 -25.85 6.02
C ALA A 595 -8.15 -25.85 4.50
N GLU A 596 -9.10 -25.15 3.87
CA GLU A 596 -9.07 -25.02 2.42
C GLU A 596 -7.83 -24.28 1.96
N LEU A 597 -7.45 -23.22 2.68
CA LEU A 597 -6.21 -22.50 2.35
C LEU A 597 -5.01 -23.42 2.48
N PHE A 598 -4.93 -24.17 3.59
CA PHE A 598 -3.79 -25.06 3.81
C PHE A 598 -3.74 -26.16 2.75
N LYS A 599 -4.90 -26.58 2.25
CA LYS A 599 -4.92 -27.56 1.16
C LYS A 599 -4.28 -26.97 -0.10
N GLN A 600 -4.63 -25.73 -0.42
CA GLN A 600 -4.05 -25.08 -1.60
C GLN A 600 -2.57 -24.82 -1.41
N LEU A 601 -2.17 -24.39 -0.22
CA LEU A 601 -0.78 -24.10 0.10
C LEU A 601 -0.06 -25.30 0.71
N GLU A 602 -0.43 -26.52 0.31
CA GLU A 602 0.14 -27.72 0.92
C GLU A 602 1.65 -27.77 0.76
N HIS A 603 2.16 -27.42 -0.43
CA HIS A 603 3.58 -27.51 -0.71
C HIS A 603 4.38 -26.63 0.23
N HIS A 604 5.28 -27.23 1.01
CA HIS A 604 6.16 -26.54 1.95
C HIS A 604 5.40 -25.82 3.06
N LEU A 605 4.17 -26.22 3.34
CA LEU A 605 3.42 -25.59 4.42
C LEU A 605 4.03 -25.98 5.76
N PRO A 606 4.39 -25.01 6.61
CA PRO A 606 4.98 -25.36 7.91
C PRO A 606 4.02 -26.16 8.77
N LYS A 607 4.54 -27.21 9.40
CA LYS A 607 3.72 -28.04 10.26
C LYS A 607 3.16 -27.28 11.46
N GLU A 608 3.83 -26.19 11.86
CA GLU A 608 3.37 -25.44 13.03
C GLU A 608 1.98 -24.85 12.81
N LEU A 609 1.62 -24.56 11.57
CA LEU A 609 0.31 -23.98 11.30
C LEU A 609 -0.80 -25.01 11.50
N GLY A 610 -0.60 -26.24 11.03
CA GLY A 610 -1.57 -27.29 11.27
C GLY A 610 -1.67 -27.65 12.75
N GLU A 611 -0.55 -27.59 13.46
CA GLU A 611 -0.58 -27.85 14.90
C GLU A 611 -1.35 -26.76 15.64
N THR A 612 -1.11 -25.49 15.29
CA THR A 612 -1.87 -24.40 15.88
C THR A 612 -3.36 -24.54 15.59
N LYS A 613 -3.71 -24.90 14.36
CA LYS A 613 -5.11 -25.06 14.00
C LYS A 613 -5.77 -26.15 14.86
N ALA A 614 -5.08 -27.27 15.06
CA ALA A 614 -5.63 -28.33 15.89
C ALA A 614 -5.87 -27.86 17.31
N GLU A 615 -5.01 -26.98 17.82
CA GLU A 615 -5.20 -26.44 19.16
C GLU A 615 -6.43 -25.53 19.22
N ILE A 616 -6.62 -24.69 18.20
CA ILE A 616 -7.79 -23.82 18.17
C ILE A 616 -9.06 -24.65 18.05
N GLU A 617 -9.01 -25.74 17.29
CA GLU A 617 -10.17 -26.61 17.17
C GLU A 617 -10.53 -27.25 18.50
N ARG A 618 -9.54 -27.60 19.31
CA ARG A 618 -9.82 -28.16 20.63
C ARG A 618 -10.51 -27.14 21.53
N ARG A 619 -10.02 -25.89 21.52
CA ARG A 619 -10.63 -24.86 22.35
C ARG A 619 -12.06 -24.58 21.93
N LEU A 620 -12.40 -24.78 20.66
CA LEU A 620 -13.77 -24.57 20.20
C LEU A 620 -14.67 -25.71 20.64
N ALA A 621 -14.16 -26.94 20.63
CA ALA A 621 -14.94 -28.11 21.01
C ALA A 621 -14.97 -28.35 22.51
N ALA A 622 -14.28 -27.53 23.30
CA ALA A 622 -14.25 -27.69 24.75
C ALA A 622 -15.62 -27.38 25.36
PG GTP B . -4.03 1.22 0.38
O1G GTP B . -3.36 2.57 0.23
O2G GTP B . -3.01 0.18 0.77
O3G GTP B . -4.58 0.80 -0.95
O3B GTP B . -5.28 1.31 1.44
PB GTP B . -5.19 1.68 3.02
O1B GTP B . -4.84 0.41 3.77
O2B GTP B . -4.20 2.78 3.32
O3A GTP B . -6.66 2.10 3.51
PA GTP B . -7.12 3.59 3.90
O1A GTP B . -6.60 4.03 5.25
O2A GTP B . -6.76 4.58 2.81
O5' GTP B . -8.72 3.45 4.01
C5' GTP B . -9.47 2.69 3.09
C4' GTP B . -10.93 3.13 3.19
O4' GTP B . -11.43 2.66 4.43
C3' GTP B . -11.09 4.63 3.20
O3' GTP B . -12.26 4.96 2.47
C2' GTP B . -11.32 4.99 4.65
O2' GTP B . -12.19 6.08 4.80
C1' GTP B . -11.92 3.72 5.22
N9 GTP B . -11.45 3.50 6.61
C8 GTP B . -10.17 3.63 7.07
N7 GTP B . -10.17 3.35 8.39
C5 GTP B . -11.42 3.03 8.77
C6 GTP B . -11.98 2.67 9.99
O6 GTP B . -11.28 2.58 11.00
N1 GTP B . -13.34 2.41 10.07
C2 GTP B . -14.13 2.52 8.94
N2 GTP B . -15.44 2.26 9.02
N3 GTP B . -13.57 2.87 7.74
C4 GTP B . -12.25 3.13 7.65
C1 OXL C . -2.12 0.44 -2.81
C2 OXL C . -2.69 -0.98 -2.91
O1 OXL C . -1.68 0.88 -1.76
O2 OXL C . -2.37 -1.75 -1.91
O3 OXL C . -2.13 1.11 -3.94
O4 OXL C . -3.39 -1.30 -3.86
MN MN D . -1.01 -0.83 -0.37
MG MG E . -3.03 3.59 1.86
C1 PGE F . 5.90 19.08 -6.03
O1 PGE F . 7.16 19.71 -6.11
C2 PGE F . 5.91 18.04 -4.92
O2 PGE F . 7.16 17.38 -4.92
C3 PGE F . 7.24 16.37 -3.93
C4 PGE F . 8.48 16.59 -3.08
O4 PGE F . 12.46 17.55 -4.37
C6 PGE F . 12.03 16.24 -4.03
C5 PGE F . 10.82 16.34 -3.10
O3 PGE F . 9.64 16.43 -3.86
OH2 1PE G . 20.22 0.27 9.92
C12 1PE G . 19.96 -1.11 9.69
C22 1PE G . 18.63 -1.52 10.25
OH3 1PE G . 17.79 -1.94 9.20
C13 1PE G . 15.72 -1.72 8.02
C23 1PE G . 16.50 -1.35 9.24
OH4 1PE G . 16.43 -2.69 7.25
C14 1PE G . 16.48 -3.54 5.03
C24 1PE G . 15.63 -3.26 6.22
OH5 1PE G . 17.56 -4.38 5.40
C15 1PE G . 19.43 -4.41 3.91
C25 1PE G . 18.14 -5.06 4.29
OH6 1PE G . 20.41 -4.64 4.91
C16 1PE G . 22.50 -4.06 5.90
C26 1PE G . 21.57 -3.85 4.74
OH7 1PE G . 22.56 -2.91 6.73
#